data_5WRW
#
_entry.id   5WRW
#
_cell.length_a   83.435
_cell.length_b   123.715
_cell.length_c   150.723
_cell.angle_alpha   90.00
_cell.angle_beta   90.00
_cell.angle_gamma   90.00
#
_symmetry.space_group_name_H-M   'P 21 21 21'
#
loop_
_entity.id
_entity.type
_entity.pdbx_description
1 polymer 'Signal recognition particle subunit SRP72'
2 non-polymer 'SULFATE ION'
3 water water
#
_entity_poly.entity_id   1
_entity_poly.type   'polypeptide(L)'
_entity_poly.pdbx_seq_one_letter_code
;MASGGSGGVSVPALWSEVNRYGQNGDFTRALKTVNKILQINKDDVTALHCKVVCLIQNGSFKEALNVINTHTKVLANNSL
SFEKAYCEYRLNRIENALKTIESANQQTDKLKELYGQVLYRLERYDECLAVYRDLVRNSQDDYDEERKTNLSAVVAAQSN
WEK
;
_entity_poly.pdbx_strand_id   A,B,C,D,E,F
#
# COMPACT_ATOMS: atom_id res chain seq x y z
N VAL A 9 60.51 -45.88 0.21
CA VAL A 9 61.35 -45.34 -0.89
C VAL A 9 60.89 -43.95 -1.36
N SER A 10 59.59 -43.80 -1.61
CA SER A 10 59.02 -42.57 -2.22
C SER A 10 58.82 -41.41 -1.23
N VAL A 11 58.98 -40.19 -1.73
CA VAL A 11 58.92 -38.97 -0.91
C VAL A 11 57.47 -38.58 -0.51
N PRO A 12 56.50 -38.62 -1.46
CA PRO A 12 55.11 -38.31 -1.07
C PRO A 12 54.47 -39.30 -0.07
N ALA A 13 55.05 -40.48 0.08
CA ALA A 13 54.66 -41.40 1.15
C ALA A 13 55.13 -40.88 2.51
N LEU A 14 56.34 -40.31 2.56
CA LEU A 14 56.90 -39.71 3.76
C LEU A 14 56.16 -38.42 4.18
N TRP A 15 55.96 -37.49 3.24
CA TRP A 15 55.14 -36.27 3.50
C TRP A 15 53.70 -36.57 3.97
N SER A 16 53.19 -37.75 3.62
CA SER A 16 51.91 -38.24 4.15
C SER A 16 52.06 -38.75 5.59
N GLU A 17 53.17 -39.42 5.87
CA GLU A 17 53.47 -39.92 7.22
C GLU A 17 53.75 -38.83 8.28
N VAL A 18 54.41 -37.75 7.85
CA VAL A 18 54.60 -36.56 8.68
C VAL A 18 53.23 -36.04 9.11
N ASN A 19 52.39 -35.76 8.13
CA ASN A 19 51.03 -35.27 8.37
C ASN A 19 50.21 -36.22 9.27
N ARG A 20 50.45 -37.52 9.20
CA ARG A 20 49.71 -38.48 10.05
C ARG A 20 50.07 -38.24 11.50
N TYR A 21 51.35 -38.24 11.81
CA TYR A 21 51.83 -38.03 13.19
C TYR A 21 51.55 -36.61 13.68
N GLY A 22 51.97 -35.62 12.88
CA GLY A 22 51.84 -34.20 13.20
C GLY A 22 50.43 -33.76 13.56
N GLN A 23 49.48 -34.05 12.67
CA GLN A 23 48.08 -33.70 12.91
C GLN A 23 47.43 -34.60 13.98
N ASN A 24 47.94 -35.82 14.17
CA ASN A 24 47.41 -36.72 15.20
C ASN A 24 47.88 -36.28 16.59
N GLY A 25 49.19 -36.34 16.83
CA GLY A 25 49.72 -36.06 18.17
C GLY A 25 51.22 -36.19 18.31
N ASP A 26 51.75 -37.33 17.88
CA ASP A 26 53.18 -37.63 17.98
C ASP A 26 54.02 -36.67 17.14
N PHE A 27 55.04 -36.06 17.74
CA PHE A 27 56.04 -35.23 17.02
C PHE A 27 57.47 -35.78 17.07
N THR A 28 57.71 -36.87 17.83
CA THR A 28 59.03 -37.51 17.88
C THR A 28 59.29 -38.31 16.59
N ARG A 29 58.30 -39.11 16.22
CA ARG A 29 58.33 -39.92 15.00
C ARG A 29 58.22 -39.02 13.75
N ALA A 30 57.32 -38.03 13.81
CA ALA A 30 57.22 -37.01 12.75
C ALA A 30 58.56 -36.31 12.45
N LEU A 31 59.39 -36.16 13.48
CA LEU A 31 60.72 -35.57 13.32
C LEU A 31 61.65 -36.49 12.54
N LYS A 32 61.65 -37.78 12.87
CA LYS A 32 62.51 -38.75 12.18
C LYS A 32 62.11 -38.90 10.70
N THR A 33 60.79 -38.93 10.45
CA THR A 33 60.24 -38.93 9.09
C THR A 33 60.70 -37.73 8.25
N VAL A 34 60.79 -36.56 8.88
CA VAL A 34 61.25 -35.35 8.19
C VAL A 34 62.74 -35.44 7.88
N ASN A 35 63.51 -36.08 8.76
CA ASN A 35 64.95 -36.26 8.50
C ASN A 35 65.21 -37.26 7.38
N LYS A 36 64.29 -38.20 7.18
CA LYS A 36 64.31 -39.07 6.00
C LYS A 36 64.12 -38.27 4.72
N ILE A 37 63.17 -37.34 4.75
CA ILE A 37 62.95 -36.40 3.63
C ILE A 37 64.16 -35.48 3.40
N LEU A 38 64.93 -35.19 4.45
CA LEU A 38 66.16 -34.36 4.36
C LEU A 38 67.42 -35.08 3.89
N GLN A 39 67.48 -36.41 4.06
CA GLN A 39 68.52 -37.23 3.44
C GLN A 39 68.48 -37.05 1.92
N ILE A 40 67.27 -37.12 1.36
CA ILE A 40 67.04 -37.03 -0.07
C ILE A 40 67.27 -35.58 -0.54
N ASN A 41 66.37 -34.67 -0.19
CA ASN A 41 66.50 -33.24 -0.52
C ASN A 41 67.46 -32.60 0.48
N LYS A 42 68.53 -31.99 -0.03
CA LYS A 42 69.52 -31.36 0.85
C LYS A 42 68.89 -30.22 1.65
N ASP A 43 68.37 -29.23 0.93
CA ASP A 43 67.81 -28.02 1.54
C ASP A 43 66.33 -27.83 1.16
N ASP A 44 65.54 -28.87 1.44
CA ASP A 44 64.08 -28.80 1.29
C ASP A 44 63.56 -27.74 2.25
N VAL A 45 63.10 -26.62 1.69
CA VAL A 45 62.66 -25.48 2.50
C VAL A 45 61.46 -25.84 3.38
N THR A 46 60.49 -26.59 2.83
CA THR A 46 59.32 -27.03 3.62
C THR A 46 59.69 -28.07 4.71
N ALA A 47 60.70 -28.90 4.44
CA ALA A 47 61.15 -29.92 5.41
C ALA A 47 61.97 -29.29 6.53
N LEU A 48 62.81 -28.32 6.19
CA LEU A 48 63.48 -27.50 7.21
C LEU A 48 62.46 -26.77 8.11
N HIS A 49 61.40 -26.22 7.50
CA HIS A 49 60.32 -25.60 8.27
C HIS A 49 59.64 -26.61 9.20
N CYS A 50 59.40 -27.82 8.69
CA CYS A 50 58.80 -28.90 9.50
C CYS A 50 59.71 -29.41 10.61
N LYS A 51 61.02 -29.38 10.36
CA LYS A 51 62.01 -29.77 11.38
C LYS A 51 61.86 -28.82 12.56
N VAL A 52 61.92 -27.52 12.27
CA VAL A 52 61.80 -26.46 13.28
C VAL A 52 60.52 -26.61 14.09
N VAL A 53 59.41 -26.81 13.42
CA VAL A 53 58.12 -26.96 14.10
C VAL A 53 58.12 -28.19 14.98
N CYS A 54 58.64 -29.29 14.46
CA CYS A 54 58.66 -30.56 15.20
C CYS A 54 59.60 -30.49 16.40
N LEU A 55 60.79 -29.96 16.15
CA LEU A 55 61.77 -29.71 17.20
C LEU A 55 61.22 -28.82 18.34
N ILE A 56 60.55 -27.72 17.99
CA ILE A 56 59.91 -26.84 18.99
C ILE A 56 58.89 -27.60 19.83
N GLN A 57 58.08 -28.42 19.18
CA GLN A 57 57.10 -29.25 19.87
C GLN A 57 57.73 -30.28 20.83
N ASN A 58 58.95 -30.75 20.51
CA ASN A 58 59.67 -31.68 21.38
C ASN A 58 60.49 -31.01 22.50
N GLY A 59 60.52 -29.69 22.53
CA GLY A 59 61.32 -28.93 23.49
C GLY A 59 62.80 -28.80 23.14
N SER A 60 63.15 -29.05 21.90
CA SER A 60 64.56 -29.05 21.48
C SER A 60 64.87 -27.69 20.88
N PHE A 61 64.88 -26.68 21.75
CA PHE A 61 64.90 -25.28 21.32
C PHE A 61 66.28 -24.88 20.80
N LYS A 62 67.35 -25.37 21.45
CA LYS A 62 68.71 -25.13 20.95
C LYS A 62 68.86 -25.63 19.51
N GLU A 63 68.39 -26.85 19.24
CA GLU A 63 68.45 -27.49 17.91
C GLU A 63 67.68 -26.67 16.87
N ALA A 64 66.38 -26.47 17.10
CA ALA A 64 65.50 -25.66 16.23
C ALA A 64 66.07 -24.29 15.89
N LEU A 65 66.63 -23.63 16.90
CA LEU A 65 67.30 -22.34 16.72
C LEU A 65 68.50 -22.47 15.77
N ASN A 66 69.23 -23.58 15.88
CA ASN A 66 70.42 -23.84 15.04
C ASN A 66 70.05 -24.19 13.59
N VAL A 67 68.95 -24.93 13.42
CA VAL A 67 68.38 -25.20 12.09
C VAL A 67 68.12 -23.88 11.37
N ILE A 68 67.57 -22.90 12.09
CA ILE A 68 67.28 -21.56 11.54
C ILE A 68 68.56 -20.76 11.29
N ASN A 69 69.49 -20.77 12.25
CA ASN A 69 70.71 -19.95 12.16
C ASN A 69 71.69 -20.40 11.07
N THR A 70 71.60 -21.67 10.64
CA THR A 70 72.47 -22.22 9.61
C THR A 70 71.74 -22.61 8.30
N HIS A 71 70.47 -22.23 8.16
CA HIS A 71 69.74 -22.38 6.88
C HIS A 71 69.04 -21.06 6.57
N THR A 72 69.81 -19.98 6.67
CA THR A 72 69.28 -18.61 6.52
C THR A 72 69.06 -18.25 5.06
N LYS A 73 69.92 -18.75 4.16
CA LYS A 73 69.74 -18.58 2.70
C LYS A 73 68.55 -19.40 2.18
N VAL A 74 68.60 -20.71 2.41
CA VAL A 74 67.54 -21.64 1.96
C VAL A 74 66.17 -21.29 2.56
N LEU A 75 66.12 -21.08 3.88
CA LEU A 75 64.89 -20.70 4.60
C LEU A 75 64.62 -19.17 4.63
N ALA A 76 65.13 -18.42 3.65
CA ALA A 76 64.80 -16.98 3.49
C ALA A 76 63.48 -16.83 2.75
N ASN A 77 62.95 -15.60 2.74
CA ASN A 77 61.61 -15.31 2.20
C ASN A 77 60.59 -16.26 2.84
N ASN A 78 60.71 -16.43 4.16
CA ASN A 78 60.00 -17.47 4.93
C ASN A 78 59.89 -16.97 6.37
N SER A 79 58.67 -16.86 6.88
CA SER A 79 58.42 -16.28 8.22
C SER A 79 58.85 -17.24 9.34
N LEU A 80 60.10 -17.10 9.76
CA LEU A 80 60.69 -17.89 10.85
C LEU A 80 60.89 -17.11 12.16
N SER A 81 60.60 -15.80 12.13
CA SER A 81 60.84 -14.92 13.28
C SER A 81 60.09 -15.33 14.56
N PHE A 82 58.86 -15.80 14.42
CA PHE A 82 58.11 -16.25 15.59
C PHE A 82 58.76 -17.50 16.19
N GLU A 83 59.08 -18.47 15.34
CA GLU A 83 59.76 -19.70 15.78
C GLU A 83 61.10 -19.39 16.45
N LYS A 84 61.82 -18.42 15.89
CA LYS A 84 63.11 -18.00 16.43
C LYS A 84 62.97 -17.33 17.81
N ALA A 85 62.07 -16.35 17.89
CA ALA A 85 61.76 -15.64 19.12
C ALA A 85 61.23 -16.57 20.19
N TYR A 86 60.35 -17.47 19.78
CA TYR A 86 59.75 -18.42 20.73
C TYR A 86 60.82 -19.27 21.36
N CYS A 87 61.82 -19.65 20.57
CA CYS A 87 62.91 -20.49 21.07
C CYS A 87 63.79 -19.73 22.05
N GLU A 88 64.21 -18.53 21.64
CA GLU A 88 64.88 -17.58 22.53
C GLU A 88 64.10 -17.37 23.86
N TYR A 89 62.81 -17.08 23.75
CA TYR A 89 61.93 -16.93 24.92
C TYR A 89 61.95 -18.15 25.86
N ARG A 90 61.75 -19.34 25.30
CA ARG A 90 61.75 -20.59 26.09
C ARG A 90 63.13 -20.94 26.65
N LEU A 91 64.19 -20.43 26.01
CA LEU A 91 65.55 -20.58 26.54
C LEU A 91 65.94 -19.48 27.53
N ASN A 92 64.97 -18.63 27.91
CA ASN A 92 65.19 -17.49 28.79
C ASN A 92 66.24 -16.51 28.28
N ARG A 93 66.25 -16.30 26.97
CA ARG A 93 67.07 -15.27 26.32
C ARG A 93 66.11 -14.18 25.88
N ILE A 94 65.51 -13.54 26.86
CA ILE A 94 64.41 -12.57 26.68
C ILE A 94 64.80 -11.36 25.82
N GLU A 95 65.98 -10.78 26.03
CA GLU A 95 66.41 -9.63 25.23
C GLU A 95 66.55 -10.05 23.77
N ASN A 96 67.08 -11.25 23.51
CA ASN A 96 67.23 -11.77 22.13
C ASN A 96 65.87 -11.95 21.46
N ALA A 97 64.94 -12.56 22.18
CA ALA A 97 63.57 -12.73 21.69
C ALA A 97 62.97 -11.37 21.36
N LEU A 98 63.23 -10.40 22.23
CA LEU A 98 62.71 -9.06 22.05
C LEU A 98 63.18 -8.48 20.72
N LYS A 99 64.50 -8.55 20.49
CA LYS A 99 65.12 -8.03 19.25
C LYS A 99 64.61 -8.75 18.01
N THR A 100 64.54 -10.07 18.09
CA THR A 100 64.04 -10.89 17.00
C THR A 100 62.65 -10.42 16.59
N ILE A 101 61.78 -10.21 17.58
CA ILE A 101 60.42 -9.74 17.34
C ILE A 101 60.41 -8.31 16.78
N GLU A 102 61.20 -7.42 17.38
CA GLU A 102 61.21 -6.01 16.96
C GLU A 102 61.80 -5.75 15.56
N SER A 103 62.50 -6.75 14.99
CA SER A 103 63.00 -6.71 13.61
C SER A 103 62.25 -7.68 12.67
N ALA A 104 61.15 -8.27 13.15
CA ALA A 104 60.54 -9.41 12.49
C ALA A 104 59.95 -9.05 11.12
N ASN A 105 60.14 -9.97 10.17
CA ASN A 105 59.57 -9.89 8.82
C ASN A 105 58.15 -9.27 8.76
N GLN A 106 57.15 -10.02 9.21
CA GLN A 106 55.74 -9.63 9.09
C GLN A 106 55.05 -9.90 10.43
N GLN A 107 54.69 -8.83 11.13
CA GLN A 107 54.00 -8.96 12.41
C GLN A 107 52.64 -9.67 12.26
N THR A 108 52.27 -10.43 13.28
CA THR A 108 51.06 -11.24 13.31
C THR A 108 50.51 -11.17 14.73
N ASP A 109 49.42 -11.86 15.01
CA ASP A 109 48.81 -11.80 16.34
C ASP A 109 49.60 -12.60 17.37
N LYS A 110 49.92 -13.85 17.05
CA LYS A 110 50.70 -14.68 17.96
C LYS A 110 52.09 -14.10 18.28
N LEU A 111 52.66 -13.42 17.27
CA LEU A 111 53.92 -12.66 17.42
C LEU A 111 53.72 -11.44 18.33
N LYS A 112 52.54 -10.83 18.25
CA LYS A 112 52.18 -9.70 19.10
C LYS A 112 52.01 -10.17 20.55
N GLU A 113 51.31 -11.29 20.74
CA GLU A 113 51.10 -11.88 22.07
C GLU A 113 52.41 -12.30 22.74
N LEU A 114 53.37 -12.76 21.96
CA LEU A 114 54.69 -13.11 22.48
C LEU A 114 55.45 -11.88 22.89
N TYR A 115 55.33 -10.82 22.09
CA TYR A 115 55.95 -9.55 22.40
C TYR A 115 55.48 -9.03 23.76
N GLY A 116 54.18 -9.14 24.02
CA GLY A 116 53.63 -8.77 25.31
C GLY A 116 54.28 -9.56 26.44
N GLN A 117 54.29 -10.87 26.26
CA GLN A 117 54.87 -11.79 27.23
C GLN A 117 56.37 -11.50 27.49
N VAL A 118 57.09 -11.13 26.43
CA VAL A 118 58.50 -10.80 26.53
C VAL A 118 58.67 -9.52 27.34
N LEU A 119 57.80 -8.55 27.13
CA LEU A 119 57.84 -7.30 27.89
C LEU A 119 57.45 -7.50 29.36
N TYR A 120 56.47 -8.37 29.61
CA TYR A 120 56.09 -8.73 30.98
C TYR A 120 57.28 -9.32 31.74
N ARG A 121 58.06 -10.12 31.04
CA ARG A 121 59.25 -10.75 31.61
C ARG A 121 60.35 -9.74 31.91
N LEU A 122 60.39 -8.65 31.16
CA LEU A 122 61.37 -7.58 31.39
C LEU A 122 60.88 -6.54 32.39
N GLU A 123 59.71 -6.80 33.01
CA GLU A 123 59.02 -5.85 33.88
C GLU A 123 58.72 -4.51 33.23
N ARG A 124 58.48 -4.54 31.93
CA ARG A 124 58.13 -3.36 31.17
C ARG A 124 56.63 -3.40 31.04
N TYR A 125 55.97 -3.08 32.16
CA TYR A 125 54.55 -3.36 32.34
C TYR A 125 53.64 -2.43 31.57
N ASP A 126 53.99 -1.16 31.48
CA ASP A 126 53.15 -0.18 30.78
C ASP A 126 53.10 -0.46 29.28
N GLU A 127 54.25 -0.79 28.68
CA GLU A 127 54.29 -1.25 27.29
C GLU A 127 53.57 -2.58 27.09
N CYS A 128 53.74 -3.49 28.05
CA CYS A 128 53.03 -4.75 28.06
C CYS A 128 51.51 -4.49 28.01
N LEU A 129 51.01 -3.67 28.93
CA LEU A 129 49.56 -3.38 29.01
C LEU A 129 49.04 -2.87 27.65
N ALA A 130 49.78 -1.94 27.06
CA ALA A 130 49.46 -1.42 25.73
C ALA A 130 49.32 -2.54 24.71
N VAL A 131 50.27 -3.47 24.70
CA VAL A 131 50.23 -4.60 23.77
C VAL A 131 48.98 -5.45 23.97
N TYR A 132 48.67 -5.80 25.20
CA TYR A 132 47.51 -6.66 25.49
C TYR A 132 46.17 -5.95 25.19
N ARG A 133 46.10 -4.63 25.41
CA ARG A 133 44.89 -3.89 25.08
C ARG A 133 44.73 -3.85 23.59
N ASP A 134 45.76 -3.42 22.89
CA ASP A 134 45.74 -3.43 21.41
C ASP A 134 45.31 -4.80 20.88
N LEU A 135 45.84 -5.88 21.44
CA LEU A 135 45.44 -7.23 21.04
C LEU A 135 43.95 -7.50 21.23
N VAL A 136 43.37 -7.02 22.32
CA VAL A 136 41.94 -7.24 22.59
C VAL A 136 41.01 -6.38 21.74
N ARG A 137 41.39 -5.14 21.41
CA ARG A 137 40.62 -4.31 20.46
C ARG A 137 40.93 -4.66 19.00
N ASN A 138 42.03 -5.38 18.75
CA ASN A 138 42.55 -5.70 17.39
C ASN A 138 43.00 -4.45 16.61
N VAL B 9 -0.86 -9.92 14.39
CA VAL B 9 -1.69 -9.70 15.62
C VAL B 9 -1.14 -10.42 16.88
N SER B 10 -0.51 -11.58 16.71
CA SER B 10 0.02 -12.39 17.83
C SER B 10 1.40 -11.92 18.29
N VAL B 11 1.72 -12.19 19.56
CA VAL B 11 3.01 -11.78 20.16
C VAL B 11 4.24 -12.35 19.44
N PRO B 12 4.22 -13.63 19.01
CA PRO B 12 5.34 -14.18 18.21
C PRO B 12 5.53 -13.57 16.81
N ALA B 13 4.49 -12.97 16.25
CA ALA B 13 4.60 -12.22 15.00
C ALA B 13 5.43 -10.95 15.18
N LEU B 14 5.31 -10.33 16.35
CA LEU B 14 6.09 -9.14 16.70
C LEU B 14 7.57 -9.48 16.94
N TRP B 15 7.84 -10.55 17.69
CA TRP B 15 9.23 -11.01 17.91
C TRP B 15 9.97 -11.31 16.59
N SER B 16 9.24 -11.75 15.56
CA SER B 16 9.80 -11.92 14.23
C SER B 16 10.16 -10.57 13.57
N GLU B 17 9.33 -9.55 13.82
CA GLU B 17 9.63 -8.18 13.38
C GLU B 17 10.82 -7.56 14.14
N VAL B 18 10.92 -7.84 15.45
CA VAL B 18 12.07 -7.41 16.24
C VAL B 18 13.38 -7.96 15.66
N ASN B 19 13.41 -9.26 15.37
CA ASN B 19 14.61 -9.88 14.81
C ASN B 19 14.88 -9.52 13.34
N ARG B 20 13.84 -9.11 12.59
CA ARG B 20 14.04 -8.62 11.23
C ARG B 20 14.74 -7.25 11.31
N TYR B 21 14.13 -6.31 12.03
CA TYR B 21 14.72 -4.99 12.27
C TYR B 21 16.09 -5.05 12.99
N GLY B 22 16.28 -6.03 13.88
CA GLY B 22 17.55 -6.23 14.58
C GLY B 22 18.68 -6.58 13.64
N GLN B 23 18.49 -7.65 12.84
CA GLN B 23 19.45 -8.06 11.80
C GLN B 23 19.62 -6.98 10.72
N ASN B 24 18.55 -6.23 10.47
CA ASN B 24 18.56 -5.11 9.52
C ASN B 24 19.51 -4.00 10.00
N GLY B 25 19.49 -3.71 11.30
CA GLY B 25 20.23 -2.60 11.89
C GLY B 25 19.31 -1.50 12.39
N ASP B 26 18.05 -1.52 11.96
CA ASP B 26 17.07 -0.50 12.36
C ASP B 26 16.62 -0.71 13.83
N PHE B 27 17.38 -0.14 14.76
CA PHE B 27 17.06 -0.27 16.20
C PHE B 27 15.99 0.69 16.73
N THR B 28 15.48 1.60 15.91
CA THR B 28 14.42 2.52 16.34
C THR B 28 13.05 1.86 16.12
N ARG B 29 12.87 1.27 14.94
CA ARG B 29 11.65 0.51 14.62
C ARG B 29 11.58 -0.84 15.36
N ALA B 30 12.73 -1.38 15.74
CA ALA B 30 12.78 -2.55 16.63
C ALA B 30 12.32 -2.21 18.07
N LEU B 31 12.65 -1.00 18.55
CA LEU B 31 12.19 -0.50 19.87
C LEU B 31 10.68 -0.20 19.87
N LYS B 32 10.17 0.30 18.75
CA LYS B 32 8.72 0.50 18.56
C LYS B 32 7.97 -0.82 18.79
N THR B 33 8.40 -1.86 18.08
CA THR B 33 7.84 -3.22 18.21
C THR B 33 7.93 -3.75 19.64
N VAL B 34 9.13 -3.68 20.23
CA VAL B 34 9.38 -4.15 21.61
C VAL B 34 8.47 -3.50 22.66
N ASN B 35 8.04 -2.26 22.42
CA ASN B 35 7.08 -1.63 23.33
C ASN B 35 5.65 -2.19 23.17
N LYS B 36 5.28 -2.58 21.94
CA LYS B 36 4.00 -3.31 21.69
C LYS B 36 3.94 -4.67 22.39
N ILE B 37 5.07 -5.37 22.42
CA ILE B 37 5.22 -6.61 23.19
C ILE B 37 5.14 -6.32 24.70
N LEU B 38 5.66 -5.16 25.12
CA LEU B 38 5.47 -4.67 26.49
C LEU B 38 4.06 -4.16 26.82
N GLN B 39 3.29 -3.75 25.80
CA GLN B 39 1.85 -3.44 25.97
C GLN B 39 1.06 -4.70 26.37
N ILE B 40 1.40 -5.82 25.73
CA ILE B 40 0.81 -7.11 26.05
C ILE B 40 1.22 -7.53 27.48
N ASN B 41 2.47 -7.96 27.68
CA ASN B 41 2.98 -8.25 29.04
C ASN B 41 3.88 -7.11 29.50
N LYS B 42 3.42 -6.33 30.48
CA LYS B 42 4.23 -5.27 31.09
C LYS B 42 5.41 -5.81 31.92
N ASP B 43 5.58 -7.14 31.98
CA ASP B 43 6.75 -7.76 32.59
C ASP B 43 7.31 -8.94 31.77
N ASP B 44 7.22 -8.89 30.44
CA ASP B 44 7.89 -9.89 29.59
C ASP B 44 9.40 -9.71 29.73
N VAL B 45 10.06 -10.67 30.37
CA VAL B 45 11.49 -10.56 30.68
C VAL B 45 12.38 -10.46 29.41
N THR B 46 12.03 -11.17 28.34
CA THR B 46 12.79 -11.02 27.07
C THR B 46 12.58 -9.64 26.46
N ALA B 47 11.39 -9.07 26.63
CA ALA B 47 11.07 -7.73 26.13
C ALA B 47 11.88 -6.65 26.82
N LEU B 48 11.94 -6.70 28.15
CA LEU B 48 12.74 -5.76 28.95
C LEU B 48 14.23 -5.77 28.59
N HIS B 49 14.76 -6.97 28.33
CA HIS B 49 16.13 -7.14 27.85
C HIS B 49 16.31 -6.43 26.50
N CYS B 50 15.46 -6.76 25.53
CA CYS B 50 15.55 -6.16 24.19
C CYS B 50 15.24 -4.67 24.12
N LYS B 51 14.53 -4.13 25.12
CA LYS B 51 14.34 -2.69 25.20
C LYS B 51 15.68 -2.06 25.52
N VAL B 52 16.31 -2.54 26.59
CA VAL B 52 17.64 -2.10 27.02
C VAL B 52 18.67 -2.17 25.87
N VAL B 53 18.73 -3.31 25.18
CA VAL B 53 19.67 -3.48 24.07
C VAL B 53 19.45 -2.43 22.98
N CYS B 54 18.18 -2.19 22.64
CA CYS B 54 17.85 -1.17 21.64
C CYS B 54 18.22 0.21 22.15
N LEU B 55 17.72 0.57 23.33
CA LEU B 55 18.03 1.86 23.94
C LEU B 55 19.54 2.16 24.01
N ILE B 56 20.32 1.14 24.38
CA ILE B 56 21.77 1.27 24.41
C ILE B 56 22.29 1.52 22.99
N GLN B 57 21.77 0.77 22.02
CA GLN B 57 22.13 0.97 20.60
C GLN B 57 21.72 2.32 20.02
N ASN B 58 20.71 2.97 20.62
CA ASN B 58 20.27 4.31 20.22
C ASN B 58 20.97 5.42 21.01
N GLY B 59 21.86 5.06 21.92
CA GLY B 59 22.57 6.04 22.74
C GLY B 59 21.74 6.57 23.90
N SER B 60 20.64 5.90 24.22
CA SER B 60 19.72 6.38 25.25
C SER B 60 20.10 5.75 26.61
N PHE B 61 21.31 6.06 27.08
CA PHE B 61 21.90 5.30 28.19
C PHE B 61 21.22 5.56 29.51
N LYS B 62 20.70 6.78 29.71
CA LYS B 62 20.11 7.16 30.99
C LYS B 62 18.74 6.51 31.24
N GLU B 63 17.98 6.27 30.16
CA GLU B 63 16.68 5.60 30.24
C GLU B 63 16.79 4.07 30.19
N ALA B 64 17.67 3.54 29.33
CA ALA B 64 18.02 2.10 29.38
C ALA B 64 18.44 1.67 30.78
N LEU B 65 19.21 2.52 31.45
CA LEU B 65 19.59 2.33 32.85
C LEU B 65 18.38 2.41 33.77
N ASN B 66 17.50 3.37 33.49
CA ASN B 66 16.23 3.55 34.24
C ASN B 66 15.32 2.32 34.20
N VAL B 67 15.16 1.71 33.01
CA VAL B 67 14.40 0.45 32.85
C VAL B 67 14.93 -0.58 33.85
N ILE B 68 16.24 -0.78 33.86
CA ILE B 68 16.88 -1.80 34.69
C ILE B 68 16.74 -1.49 36.19
N ASN B 69 16.71 -0.22 36.55
CA ASN B 69 16.64 0.18 37.98
C ASN B 69 15.24 -0.02 38.60
N THR B 70 14.18 0.12 37.80
CA THR B 70 12.79 -0.04 38.27
C THR B 70 12.16 -1.42 37.92
N HIS B 71 13.00 -2.45 37.76
CA HIS B 71 12.53 -3.78 37.36
C HIS B 71 13.37 -4.89 38.02
N THR B 72 13.81 -4.65 39.25
CA THR B 72 14.79 -5.54 39.91
C THR B 72 14.21 -6.91 40.23
N LYS B 73 13.04 -6.89 40.90
CA LYS B 73 12.30 -8.12 41.23
C LYS B 73 11.90 -8.89 39.96
N VAL B 74 11.46 -8.15 38.95
CA VAL B 74 11.04 -8.73 37.68
C VAL B 74 12.23 -9.38 36.93
N LEU B 75 13.41 -8.76 37.05
CA LEU B 75 14.64 -9.23 36.39
C LEU B 75 15.62 -9.92 37.35
N ALA B 76 15.15 -10.38 38.51
CA ALA B 76 16.03 -11.05 39.48
C ALA B 76 16.67 -12.33 38.92
N ASN B 77 15.86 -13.15 38.23
CA ASN B 77 16.33 -14.40 37.63
C ASN B 77 17.41 -14.21 36.56
N ASN B 78 17.37 -13.06 35.88
CA ASN B 78 18.37 -12.70 34.88
C ASN B 78 18.71 -11.21 35.04
N SER B 79 19.61 -10.91 35.98
CA SER B 79 20.06 -9.53 36.25
C SER B 79 21.02 -9.07 35.15
N LEU B 80 20.87 -7.81 34.71
CA LEU B 80 21.60 -7.26 33.56
C LEU B 80 22.74 -6.32 33.97
N SER B 81 23.73 -6.91 34.63
CA SER B 81 24.85 -6.14 35.16
C SER B 81 25.72 -5.55 34.05
N PHE B 82 26.02 -6.34 33.02
CA PHE B 82 26.80 -5.85 31.90
C PHE B 82 26.15 -4.64 31.21
N GLU B 83 24.86 -4.74 30.91
CA GLU B 83 24.15 -3.61 30.30
C GLU B 83 24.18 -2.38 31.21
N LYS B 84 24.06 -2.61 32.51
CA LYS B 84 24.06 -1.55 33.51
C LYS B 84 25.44 -0.90 33.64
N ALA B 85 26.45 -1.74 33.82
CA ALA B 85 27.86 -1.30 33.87
C ALA B 85 28.18 -0.45 32.66
N TYR B 86 27.88 -1.01 31.47
CA TYR B 86 28.10 -0.33 30.20
C TYR B 86 27.43 1.04 30.17
N CYS B 87 26.14 1.05 30.52
CA CYS B 87 25.37 2.29 30.62
C CYS B 87 26.06 3.28 31.55
N GLU B 88 26.41 2.83 32.75
CA GLU B 88 27.14 3.69 33.68
C GLU B 88 28.50 4.17 33.11
N TYR B 89 29.24 3.26 32.48
CA TYR B 89 30.53 3.59 31.86
C TYR B 89 30.38 4.68 30.79
N ARG B 90 29.44 4.49 29.87
CA ARG B 90 29.20 5.47 28.80
C ARG B 90 28.68 6.82 29.31
N LEU B 91 28.10 6.85 30.50
CA LEU B 91 27.65 8.10 31.12
C LEU B 91 28.73 8.66 32.03
N ASN B 92 29.92 8.06 32.01
CA ASN B 92 31.04 8.54 32.78
C ASN B 92 30.83 8.35 34.29
N ARG B 93 30.04 7.35 34.67
CA ARG B 93 29.85 7.00 36.08
C ARG B 93 30.70 5.77 36.29
N ILE B 94 32.01 6.00 36.44
CA ILE B 94 33.00 4.92 36.40
C ILE B 94 33.04 4.16 37.70
N GLU B 95 33.06 4.87 38.83
CA GLU B 95 33.00 4.23 40.15
C GLU B 95 31.71 3.39 40.27
N ASN B 96 30.60 3.91 39.74
CA ASN B 96 29.34 3.14 39.68
C ASN B 96 29.52 1.86 38.87
N ALA B 97 29.97 2.02 37.62
CA ALA B 97 30.20 0.89 36.71
C ALA B 97 31.13 -0.17 37.31
N LEU B 98 32.08 0.27 38.15
CA LEU B 98 32.94 -0.66 38.91
C LEU B 98 32.15 -1.50 39.91
N LYS B 99 31.25 -0.87 40.69
CA LYS B 99 30.42 -1.60 41.67
C LYS B 99 29.57 -2.66 41.00
N THR B 100 28.92 -2.24 39.91
CA THR B 100 28.10 -3.11 39.08
C THR B 100 28.85 -4.32 38.54
N ILE B 101 30.01 -4.09 37.94
CA ILE B 101 30.84 -5.17 37.38
C ILE B 101 31.31 -6.17 38.43
N GLU B 102 31.61 -5.72 39.65
CA GLU B 102 32.13 -6.59 40.73
C GLU B 102 31.07 -7.33 41.54
N SER B 103 29.84 -6.81 41.54
CA SER B 103 28.66 -7.55 41.96
C SER B 103 28.21 -8.54 40.88
N ALA B 104 28.34 -8.12 39.61
CA ALA B 104 27.83 -8.86 38.43
C ALA B 104 27.53 -10.34 38.64
N ASN B 105 26.24 -10.68 38.46
CA ASN B 105 25.76 -12.08 38.41
C ASN B 105 26.80 -13.08 37.88
N GLN B 106 27.08 -13.06 36.58
CA GLN B 106 27.91 -14.07 35.93
C GLN B 106 28.97 -13.44 35.05
N GLN B 107 30.15 -14.05 35.03
CA GLN B 107 31.27 -13.57 34.21
C GLN B 107 31.09 -13.91 32.74
N THR B 108 31.50 -12.99 31.88
CA THR B 108 31.64 -13.23 30.45
C THR B 108 32.94 -12.55 30.01
N ASP B 109 33.37 -12.85 28.80
CA ASP B 109 34.50 -12.16 28.21
C ASP B 109 34.22 -10.70 27.86
N LYS B 110 32.95 -10.36 27.64
CA LYS B 110 32.57 -8.95 27.41
C LYS B 110 32.47 -8.18 28.74
N LEU B 111 32.06 -8.85 29.82
CA LEU B 111 32.04 -8.23 31.14
C LEU B 111 33.47 -7.99 31.61
N LYS B 112 34.38 -8.91 31.27
CA LYS B 112 35.80 -8.80 31.65
C LYS B 112 36.52 -7.68 30.92
N GLU B 113 36.33 -7.59 29.61
CA GLU B 113 36.85 -6.50 28.80
C GLU B 113 36.40 -5.11 29.29
N LEU B 114 35.20 -5.03 29.87
CA LEU B 114 34.67 -3.75 30.40
C LEU B 114 35.25 -3.45 31.77
N TYR B 115 35.48 -4.49 32.56
CA TYR B 115 36.19 -4.38 33.83
C TYR B 115 37.59 -3.83 33.57
N GLY B 116 38.25 -4.35 32.53
CA GLY B 116 39.57 -3.86 32.14
C GLY B 116 39.53 -2.36 31.89
N GLN B 117 38.62 -1.97 31.00
CA GLN B 117 38.45 -0.57 30.64
C GLN B 117 38.15 0.33 31.83
N VAL B 118 37.31 -0.13 32.74
CA VAL B 118 37.01 0.64 33.94
C VAL B 118 38.28 0.81 34.80
N LEU B 119 39.04 -0.25 34.97
CA LEU B 119 40.28 -0.16 35.71
C LEU B 119 41.30 0.74 34.99
N TYR B 120 41.34 0.69 33.67
CA TYR B 120 42.20 1.62 32.89
C TYR B 120 41.84 3.08 33.13
N ARG B 121 40.55 3.36 33.12
CA ARG B 121 40.05 4.72 33.38
C ARG B 121 40.29 5.19 34.79
N LEU B 122 40.38 4.25 35.74
CA LEU B 122 40.65 4.53 37.14
C LEU B 122 42.15 4.47 37.45
N GLU B 123 42.99 4.44 36.43
CA GLU B 123 44.45 4.43 36.60
C GLU B 123 44.96 3.29 37.51
N ARG B 124 44.24 2.17 37.54
CA ARG B 124 44.57 1.01 38.36
C ARG B 124 45.12 -0.05 37.42
N TYR B 125 46.36 0.20 37.02
CA TYR B 125 46.94 -0.34 35.81
C TYR B 125 47.50 -1.75 35.96
N ASP B 126 47.82 -2.16 37.20
CA ASP B 126 48.29 -3.53 37.40
C ASP B 126 47.09 -4.48 37.37
N GLU B 127 46.00 -4.11 38.05
CA GLU B 127 44.78 -4.93 38.05
C GLU B 127 44.29 -5.10 36.61
N CYS B 128 44.36 -4.01 35.86
CA CYS B 128 44.01 -3.94 34.45
C CYS B 128 44.86 -4.88 33.60
N LEU B 129 46.17 -4.89 33.81
CA LEU B 129 47.06 -5.83 33.08
C LEU B 129 46.61 -7.29 33.25
N ALA B 130 46.36 -7.67 34.51
CA ALA B 130 45.90 -9.02 34.87
C ALA B 130 44.63 -9.41 34.13
N VAL B 131 43.68 -8.47 34.04
CA VAL B 131 42.41 -8.67 33.36
C VAL B 131 42.64 -8.87 31.86
N TYR B 132 43.44 -8.00 31.28
CA TYR B 132 43.72 -8.08 29.83
C TYR B 132 44.56 -9.31 29.47
N ARG B 133 45.49 -9.73 30.33
CA ARG B 133 46.28 -10.95 30.06
C ARG B 133 45.42 -12.19 30.21
N ASP B 134 44.71 -12.29 31.32
CA ASP B 134 43.71 -13.34 31.49
C ASP B 134 42.89 -13.47 30.21
N LEU B 135 42.28 -12.37 29.78
CA LEU B 135 41.45 -12.36 28.60
C LEU B 135 42.11 -12.95 27.35
N VAL B 136 43.36 -12.59 27.11
CA VAL B 136 44.10 -13.02 25.90
C VAL B 136 44.66 -14.43 26.02
N ARG B 137 44.94 -14.86 27.26
CA ARG B 137 45.55 -16.18 27.49
C ARG B 137 44.51 -17.04 28.24
N ASN B 138 43.31 -17.11 27.65
CA ASN B 138 42.04 -17.55 28.29
C ASN B 138 42.18 -18.39 29.55
N VAL C 9 20.64 -19.03 18.81
CA VAL C 9 21.17 -18.99 20.20
C VAL C 9 20.40 -18.01 21.08
N SER C 10 20.06 -16.84 20.55
CA SER C 10 19.29 -15.80 21.26
C SER C 10 17.78 -16.01 21.10
N VAL C 11 17.01 -15.42 22.01
CA VAL C 11 15.56 -15.69 22.12
C VAL C 11 14.79 -15.17 20.91
N PRO C 12 14.86 -13.85 20.60
CA PRO C 12 14.08 -13.34 19.45
C PRO C 12 14.40 -13.98 18.09
N ALA C 13 15.57 -14.63 17.97
CA ALA C 13 15.87 -15.47 16.80
C ALA C 13 14.94 -16.69 16.74
N LEU C 14 14.78 -17.35 17.89
CA LEU C 14 13.94 -18.55 18.02
C LEU C 14 12.45 -18.22 17.83
N TRP C 15 11.96 -17.15 18.48
CA TRP C 15 10.58 -16.69 18.27
C TRP C 15 10.25 -16.39 16.81
N SER C 16 11.25 -15.91 16.06
CA SER C 16 11.09 -15.68 14.61
C SER C 16 11.05 -17.00 13.85
N GLU C 17 11.77 -18.02 14.32
CA GLU C 17 11.66 -19.37 13.78
C GLU C 17 10.29 -19.98 14.06
N VAL C 18 9.87 -19.94 15.35
CA VAL C 18 8.53 -20.40 15.76
C VAL C 18 7.46 -19.79 14.85
N ASN C 19 7.50 -18.47 14.70
CA ASN C 19 6.53 -17.74 13.87
C ASN C 19 6.67 -18.00 12.35
N ARG C 20 7.86 -18.36 11.88
CA ARG C 20 8.05 -18.78 10.49
C ARG C 20 7.39 -20.14 10.23
N TYR C 21 7.68 -21.11 11.10
CA TYR C 21 7.07 -22.45 11.06
C TYR C 21 5.54 -22.44 11.17
N GLY C 22 5.00 -21.49 11.95
CA GLY C 22 3.55 -21.34 12.11
C GLY C 22 2.85 -20.96 10.82
N GLN C 23 3.37 -19.94 10.14
CA GLN C 23 2.86 -19.50 8.83
C GLN C 23 2.99 -20.61 7.78
N ASN C 24 4.03 -21.44 7.93
CA ASN C 24 4.25 -22.61 7.08
C ASN C 24 3.20 -23.70 7.34
N GLY C 25 2.90 -23.96 8.63
CA GLY C 25 2.02 -25.08 9.04
C GLY C 25 2.79 -26.23 9.66
N ASP C 26 4.12 -26.19 9.57
CA ASP C 26 5.01 -27.15 10.22
C ASP C 26 5.02 -26.96 11.76
N PHE C 27 3.99 -27.51 12.42
CA PHE C 27 3.83 -27.34 13.88
C PHE C 27 4.69 -28.26 14.76
N THR C 28 5.23 -29.33 14.18
CA THR C 28 6.10 -30.26 14.91
C THR C 28 7.44 -29.58 15.22
N ARG C 29 8.04 -28.96 14.20
CA ARG C 29 9.29 -28.22 14.37
C ARG C 29 9.09 -26.93 15.17
N ALA C 30 7.92 -26.29 14.99
CA ALA C 30 7.53 -25.14 15.81
C ALA C 30 7.51 -25.49 17.30
N LEU C 31 7.02 -26.68 17.65
CA LEU C 31 7.05 -27.15 19.05
C LEU C 31 8.48 -27.33 19.56
N LYS C 32 9.37 -27.86 18.72
CA LYS C 32 10.75 -28.16 19.14
C LYS C 32 11.52 -26.88 19.48
N THR C 33 11.35 -25.87 18.62
CA THR C 33 11.83 -24.50 18.86
C THR C 33 11.37 -23.92 20.20
N VAL C 34 10.09 -24.09 20.52
CA VAL C 34 9.50 -23.49 21.72
C VAL C 34 10.02 -24.17 23.00
N ASN C 35 10.34 -25.46 22.93
CA ASN C 35 10.96 -26.16 24.06
C ASN C 35 12.35 -25.62 24.36
N LYS C 36 13.09 -25.26 23.31
CA LYS C 36 14.40 -24.61 23.44
C LYS C 36 14.30 -23.24 24.14
N ILE C 37 13.23 -22.48 23.86
CA ILE C 37 12.95 -21.24 24.59
C ILE C 37 12.59 -21.54 26.05
N LEU C 38 11.86 -22.64 26.27
CA LEU C 38 11.49 -23.08 27.62
C LEU C 38 12.67 -23.64 28.42
N GLN C 39 13.66 -24.22 27.72
CA GLN C 39 14.96 -24.56 28.33
C GLN C 39 15.63 -23.31 28.90
N ILE C 40 15.63 -22.24 28.10
CA ILE C 40 16.25 -20.95 28.48
C ILE C 40 15.43 -20.25 29.56
N ASN C 41 14.10 -20.32 29.47
CA ASN C 41 13.21 -19.71 30.45
C ASN C 41 12.02 -20.65 30.72
N LYS C 42 12.07 -21.34 31.87
CA LYS C 42 11.05 -22.32 32.26
C LYS C 42 9.62 -21.77 32.32
N ASP C 43 9.47 -20.50 32.75
CA ASP C 43 8.15 -19.88 32.95
C ASP C 43 7.83 -18.71 31.99
N ASP C 44 8.41 -18.74 30.79
CA ASP C 44 8.05 -17.77 29.74
C ASP C 44 6.57 -18.02 29.41
N VAL C 45 5.71 -17.11 29.86
CA VAL C 45 4.26 -17.23 29.67
C VAL C 45 3.88 -17.40 28.19
N THR C 46 4.48 -16.60 27.32
CA THR C 46 4.20 -16.68 25.89
C THR C 46 4.62 -18.03 25.27
N ALA C 47 5.69 -18.62 25.79
CA ALA C 47 6.19 -19.92 25.33
C ALA C 47 5.29 -21.09 25.73
N LEU C 48 4.86 -21.08 26.99
CA LEU C 48 3.89 -22.06 27.48
C LEU C 48 2.63 -22.05 26.61
N HIS C 49 2.07 -20.86 26.42
CA HIS C 49 0.90 -20.66 25.56
C HIS C 49 1.13 -21.25 24.17
N CYS C 50 2.25 -20.93 23.54
CA CYS C 50 2.58 -21.46 22.22
C CYS C 50 2.82 -22.96 22.22
N LYS C 51 3.34 -23.49 23.32
CA LYS C 51 3.53 -24.93 23.43
C LYS C 51 2.16 -25.64 23.36
N VAL C 52 1.23 -25.15 24.16
CA VAL C 52 -0.14 -25.65 24.21
C VAL C 52 -0.76 -25.64 22.83
N VAL C 53 -0.68 -24.50 22.15
CA VAL C 53 -1.26 -24.35 20.82
C VAL C 53 -0.61 -25.31 19.82
N CYS C 54 0.72 -25.46 19.92
CA CYS C 54 1.43 -26.39 19.03
C CYS C 54 1.04 -27.84 19.33
N LEU C 55 0.97 -28.18 20.62
CA LEU C 55 0.56 -29.54 21.04
C LEU C 55 -0.87 -29.89 20.58
N ILE C 56 -1.80 -28.95 20.80
CA ILE C 56 -3.17 -29.05 20.26
C ILE C 56 -3.16 -29.28 18.74
N GLN C 57 -2.30 -28.55 18.03
CA GLN C 57 -2.15 -28.71 16.57
C GLN C 57 -1.57 -30.05 16.10
N ASN C 58 -0.82 -30.74 16.95
CA ASN C 58 -0.33 -32.09 16.66
C ASN C 58 -1.22 -33.19 17.23
N GLY C 59 -2.40 -32.83 17.71
CA GLY C 59 -3.29 -33.79 18.38
C GLY C 59 -2.75 -34.36 19.68
N SER C 60 -1.87 -33.63 20.35
CA SER C 60 -1.26 -34.11 21.58
C SER C 60 -1.99 -33.47 22.75
N PHE C 61 -3.23 -33.92 22.94
CA PHE C 61 -4.18 -33.24 23.83
C PHE C 61 -3.92 -33.53 25.30
N LYS C 62 -3.59 -34.77 25.64
CA LYS C 62 -3.21 -35.14 27.02
C LYS C 62 -2.00 -34.36 27.52
N GLU C 63 -1.02 -34.16 26.62
CA GLU C 63 0.22 -33.44 26.95
C GLU C 63 -0.09 -31.94 27.10
N ALA C 64 -0.77 -31.36 26.10
CA ALA C 64 -1.27 -29.97 26.16
C ALA C 64 -2.07 -29.70 27.44
N LEU C 65 -2.96 -30.63 27.75
CA LEU C 65 -3.80 -30.53 28.94
C LEU C 65 -2.95 -30.58 30.20
N ASN C 66 -1.90 -31.40 30.19
CA ASN C 66 -0.97 -31.52 31.31
C ASN C 66 -0.09 -30.27 31.53
N VAL C 67 0.34 -29.63 30.45
CA VAL C 67 1.03 -28.32 30.53
C VAL C 67 0.12 -27.32 31.25
N ILE C 68 -1.08 -27.12 30.72
CA ILE C 68 -2.05 -26.16 31.29
C ILE C 68 -2.32 -26.39 32.78
N ASN C 69 -2.37 -27.65 33.21
CA ASN C 69 -2.72 -27.98 34.59
C ASN C 69 -1.56 -27.75 35.56
N THR C 70 -0.32 -28.03 35.13
CA THR C 70 0.87 -27.90 35.98
C THR C 70 1.40 -26.45 36.13
N HIS C 71 1.11 -25.59 35.15
CA HIS C 71 1.48 -24.15 35.21
C HIS C 71 0.26 -23.25 35.44
N THR C 72 -0.58 -23.64 36.40
CA THR C 72 -1.78 -22.86 36.73
C THR C 72 -1.43 -21.52 37.39
N LYS C 73 -0.46 -21.54 38.30
CA LYS C 73 0.03 -20.32 38.97
C LYS C 73 0.61 -19.33 37.95
N VAL C 74 1.53 -19.82 37.11
CA VAL C 74 2.17 -18.98 36.08
C VAL C 74 1.20 -18.46 35.00
N LEU C 75 0.31 -19.34 34.53
CA LEU C 75 -0.62 -18.99 33.44
C LEU C 75 -1.86 -18.20 33.85
N ALA C 76 -2.01 -17.82 35.13
CA ALA C 76 -3.11 -16.96 35.57
C ALA C 76 -3.29 -15.69 34.70
N ASN C 77 -2.20 -15.18 34.11
CA ASN C 77 -2.25 -14.06 33.16
C ASN C 77 -2.92 -14.41 31.83
N ASN C 78 -2.35 -15.38 31.10
CA ASN C 78 -2.94 -15.86 29.84
C ASN C 78 -4.27 -16.59 30.06
N SER C 79 -5.10 -16.68 29.02
CA SER C 79 -6.43 -17.31 29.14
C SER C 79 -6.33 -18.83 29.40
N LEU C 80 -6.01 -19.60 28.35
CA LEU C 80 -5.89 -21.07 28.41
C LEU C 80 -7.20 -21.86 28.65
N SER C 81 -8.36 -21.19 28.69
CA SER C 81 -9.60 -21.82 29.17
C SER C 81 -10.28 -22.59 28.04
N PHE C 82 -10.38 -21.94 26.90
CA PHE C 82 -10.82 -22.57 25.67
C PHE C 82 -9.95 -23.77 25.29
N GLU C 83 -8.64 -23.55 25.26
CA GLU C 83 -7.67 -24.63 24.99
C GLU C 83 -7.92 -25.86 25.87
N LYS C 84 -8.11 -25.62 27.16
CA LYS C 84 -8.39 -26.68 28.13
C LYS C 84 -9.66 -27.43 27.76
N ALA C 85 -10.73 -26.68 27.51
CA ALA C 85 -12.02 -27.25 27.09
C ALA C 85 -11.86 -28.05 25.79
N TYR C 86 -11.15 -27.47 24.83
CA TYR C 86 -10.94 -28.09 23.53
C TYR C 86 -10.22 -29.44 23.62
N CYS C 87 -9.18 -29.52 24.45
CA CYS C 87 -8.49 -30.78 24.70
C CYS C 87 -9.42 -31.82 25.33
N GLU C 88 -10.19 -31.37 26.33
CA GLU C 88 -11.13 -32.23 27.03
C GLU C 88 -12.21 -32.72 26.06
N TYR C 89 -12.63 -31.81 25.18
CA TYR C 89 -13.58 -32.15 24.13
C TYR C 89 -13.03 -33.22 23.20
N ARG C 90 -11.81 -33.03 22.69
CA ARG C 90 -11.23 -34.01 21.72
C ARG C 90 -10.91 -35.35 22.39
N LEU C 91 -10.76 -35.37 23.72
CA LEU C 91 -10.65 -36.63 24.48
C LEU C 91 -12.02 -37.25 24.86
N ASN C 92 -13.10 -36.71 24.32
CA ASN C 92 -14.46 -37.14 24.65
C ASN C 92 -14.70 -37.08 26.16
N ARG C 93 -14.21 -36.02 26.81
CA ARG C 93 -14.52 -35.70 28.21
C ARG C 93 -15.44 -34.50 28.21
N ILE C 94 -16.70 -34.73 27.87
CA ILE C 94 -17.61 -33.64 27.56
C ILE C 94 -18.09 -32.89 28.81
N GLU C 95 -18.35 -33.60 29.91
CA GLU C 95 -18.68 -32.95 31.18
C GLU C 95 -17.57 -32.04 31.66
N ASN C 96 -16.34 -32.54 31.60
CA ASN C 96 -15.16 -31.75 31.92
C ASN C 96 -15.05 -30.48 31.02
N ALA C 97 -15.29 -30.67 29.73
CA ALA C 97 -15.26 -29.56 28.78
C ALA C 97 -16.37 -28.56 29.09
N LEU C 98 -17.54 -29.06 29.43
CA LEU C 98 -18.70 -28.22 29.68
C LEU C 98 -18.41 -27.32 30.88
N LYS C 99 -17.93 -27.91 31.99
CA LYS C 99 -17.64 -27.17 33.21
C LYS C 99 -16.53 -26.13 32.97
N THR C 100 -15.47 -26.53 32.30
CA THR C 100 -14.38 -25.61 31.91
C THR C 100 -14.89 -24.36 31.16
N ILE C 101 -15.65 -24.59 30.09
CA ILE C 101 -16.34 -23.54 29.35
C ILE C 101 -17.30 -22.72 30.25
N GLU C 102 -18.16 -23.41 30.98
CA GLU C 102 -19.18 -22.74 31.83
C GLU C 102 -18.65 -22.13 33.14
N SER C 103 -17.32 -22.01 33.30
CA SER C 103 -16.72 -21.30 34.43
C SER C 103 -15.55 -20.43 33.99
N ALA C 104 -15.54 -20.04 32.72
CA ALA C 104 -14.43 -19.28 32.15
C ALA C 104 -14.80 -17.80 32.27
N ASN C 105 -13.81 -16.97 32.64
CA ASN C 105 -13.99 -15.51 32.73
C ASN C 105 -14.13 -14.89 31.33
N GLN C 106 -13.08 -15.01 30.51
CA GLN C 106 -13.07 -14.43 29.16
C GLN C 106 -13.94 -15.24 28.19
N GLN C 107 -15.15 -14.76 27.92
CA GLN C 107 -16.09 -15.42 27.02
C GLN C 107 -15.92 -14.98 25.56
N THR C 108 -14.92 -15.54 24.87
CA THR C 108 -14.73 -15.30 23.42
C THR C 108 -15.79 -16.00 22.54
N ASP C 109 -15.77 -15.71 21.23
CA ASP C 109 -16.70 -16.31 20.26
C ASP C 109 -16.38 -17.77 19.98
N LYS C 110 -15.11 -18.09 19.74
CA LYS C 110 -14.70 -19.49 19.56
C LYS C 110 -15.02 -20.41 20.78
N LEU C 111 -15.02 -19.83 21.98
CA LEU C 111 -15.43 -20.51 23.22
C LEU C 111 -16.94 -20.76 23.25
N LYS C 112 -17.72 -19.83 22.68
CA LYS C 112 -19.16 -20.06 22.46
C LYS C 112 -19.41 -21.15 21.41
N GLU C 113 -18.67 -21.15 20.30
CA GLU C 113 -18.83 -22.20 19.26
C GLU C 113 -18.57 -23.60 19.81
N LEU C 114 -17.60 -23.71 20.72
CA LEU C 114 -17.27 -24.98 21.34
C LEU C 114 -18.40 -25.43 22.24
N TYR C 115 -18.87 -24.49 23.05
CA TYR C 115 -20.00 -24.72 23.96
C TYR C 115 -21.21 -25.29 23.21
N GLY C 116 -21.48 -24.74 22.02
CA GLY C 116 -22.54 -25.22 21.13
C GLY C 116 -22.34 -26.65 20.65
N GLN C 117 -21.10 -26.98 20.32
CA GLN C 117 -20.73 -28.34 19.95
C GLN C 117 -20.81 -29.29 21.17
N VAL C 118 -20.29 -28.85 22.31
CA VAL C 118 -20.43 -29.61 23.54
C VAL C 118 -21.89 -29.89 23.86
N LEU C 119 -22.75 -28.88 23.70
CA LEU C 119 -24.17 -29.05 23.96
C LEU C 119 -24.80 -30.05 22.97
N TYR C 120 -24.41 -29.94 21.70
CA TYR C 120 -24.82 -30.90 20.64
C TYR C 120 -24.52 -32.34 21.03
N ARG C 121 -23.29 -32.56 21.49
CA ARG C 121 -22.86 -33.90 21.89
C ARG C 121 -23.61 -34.47 23.08
N LEU C 122 -24.07 -33.61 23.97
CA LEU C 122 -24.93 -34.04 25.08
C LEU C 122 -26.40 -34.11 24.69
N GLU C 123 -26.70 -33.98 23.39
CA GLU C 123 -28.07 -33.96 22.86
C GLU C 123 -28.94 -32.87 23.50
N ARG C 124 -28.32 -31.75 23.83
CA ARG C 124 -29.04 -30.64 24.38
C ARG C 124 -29.34 -29.70 23.23
N TYR C 125 -30.28 -30.13 22.40
CA TYR C 125 -30.50 -29.51 21.08
C TYR C 125 -31.11 -28.10 21.11
N ASP C 126 -32.01 -27.83 22.05
CA ASP C 126 -32.63 -26.49 22.15
C ASP C 126 -31.64 -25.42 22.59
N GLU C 127 -30.77 -25.78 23.52
CA GLU C 127 -29.75 -24.86 24.02
C GLU C 127 -28.65 -24.71 22.99
N CYS C 128 -28.42 -25.78 22.24
CA CYS C 128 -27.47 -25.76 21.15
C CYS C 128 -27.91 -24.73 20.09
N LEU C 129 -29.19 -24.77 19.71
CA LEU C 129 -29.76 -23.78 18.78
C LEU C 129 -29.61 -22.36 19.32
N ALA C 130 -29.86 -22.20 20.62
CA ALA C 130 -29.79 -20.89 21.25
C ALA C 130 -28.40 -20.30 21.12
N VAL C 131 -27.40 -21.13 21.43
CA VAL C 131 -25.99 -20.74 21.32
C VAL C 131 -25.58 -20.43 19.87
N TYR C 132 -25.91 -21.33 18.94
CA TYR C 132 -25.52 -21.12 17.54
C TYR C 132 -26.23 -19.90 16.97
N ARG C 133 -27.51 -19.73 17.25
CA ARG C 133 -28.24 -18.51 16.83
C ARG C 133 -27.58 -17.27 17.40
N ASP C 134 -27.35 -17.26 18.71
CA ASP C 134 -26.70 -16.11 19.37
C ASP C 134 -25.34 -15.80 18.74
N LEU C 135 -24.56 -16.84 18.51
CA LEU C 135 -23.23 -16.75 17.90
C LEU C 135 -23.27 -16.10 16.50
N VAL C 136 -24.29 -16.43 15.70
CA VAL C 136 -24.43 -15.87 14.35
C VAL C 136 -24.88 -14.39 14.34
N ARG C 137 -25.80 -14.01 15.22
CA ARG C 137 -26.27 -12.60 15.28
C ARG C 137 -25.85 -11.88 16.57
N ASN C 138 -24.52 -11.74 16.72
CA ASN C 138 -23.84 -11.26 17.95
C ASN C 138 -24.71 -10.43 18.91
N VAL D 9 -26.17 15.64 -20.08
CA VAL D 9 -26.82 14.30 -20.17
C VAL D 9 -25.89 13.14 -19.76
N SER D 10 -25.04 13.38 -18.74
CA SER D 10 -24.08 12.37 -18.23
C SER D 10 -24.65 11.64 -17.02
N VAL D 11 -24.66 10.31 -17.09
CA VAL D 11 -25.24 9.45 -16.05
C VAL D 11 -24.32 9.22 -14.84
N PRO D 12 -23.00 9.00 -15.05
CA PRO D 12 -22.07 8.89 -13.90
C PRO D 12 -22.04 10.10 -12.95
N ALA D 13 -22.42 11.28 -13.44
CA ALA D 13 -22.66 12.43 -12.56
C ALA D 13 -23.75 12.13 -11.52
N LEU D 14 -24.83 11.47 -11.94
CA LEU D 14 -25.91 11.08 -11.01
C LEU D 14 -25.54 9.92 -10.07
N TRP D 15 -24.78 8.94 -10.56
CA TRP D 15 -24.26 7.84 -9.71
C TRP D 15 -23.36 8.33 -8.58
N SER D 16 -22.66 9.44 -8.81
CA SER D 16 -21.85 10.08 -7.77
C SER D 16 -22.74 10.77 -6.72
N GLU D 17 -23.90 11.29 -7.14
CA GLU D 17 -24.92 11.87 -6.23
C GLU D 17 -25.87 10.83 -5.58
N VAL D 18 -25.94 9.62 -6.15
CA VAL D 18 -26.60 8.47 -5.50
C VAL D 18 -25.68 7.92 -4.39
N ASN D 19 -24.40 7.70 -4.73
CA ASN D 19 -23.39 7.29 -3.75
C ASN D 19 -23.11 8.38 -2.69
N ARG D 20 -23.26 9.66 -3.07
CA ARG D 20 -23.12 10.76 -2.12
C ARG D 20 -24.22 10.69 -1.07
N TYR D 21 -25.48 10.83 -1.52
CA TYR D 21 -26.66 10.61 -0.67
C TYR D 21 -26.64 9.27 0.09
N GLY D 22 -26.07 8.24 -0.54
CA GLY D 22 -25.89 6.93 0.09
C GLY D 22 -24.93 6.86 1.28
N GLN D 23 -23.68 7.28 1.10
CA GLN D 23 -22.65 7.20 2.15
C GLN D 23 -23.02 7.91 3.46
N ASN D 24 -23.76 9.02 3.36
CA ASN D 24 -24.29 9.73 4.54
C ASN D 24 -25.53 9.06 5.16
N GLY D 25 -26.04 8.00 4.55
CA GLY D 25 -27.28 7.41 4.96
C GLY D 25 -28.50 8.28 4.65
N ASP D 26 -28.42 9.05 3.57
CA ASP D 26 -29.58 9.80 3.07
C ASP D 26 -30.17 9.03 1.88
N PHE D 27 -30.78 7.90 2.20
CA PHE D 27 -31.38 7.01 1.20
C PHE D 27 -32.66 7.59 0.58
N THR D 28 -33.28 8.59 1.24
CA THR D 28 -34.40 9.36 0.65
C THR D 28 -33.91 10.24 -0.51
N ARG D 29 -32.71 10.79 -0.38
CA ARG D 29 -32.06 11.52 -1.48
C ARG D 29 -31.61 10.57 -2.58
N ALA D 30 -30.90 9.51 -2.19
CA ALA D 30 -30.41 8.50 -3.13
C ALA D 30 -31.53 7.77 -3.88
N LEU D 31 -32.71 7.64 -3.27
CA LEU D 31 -33.91 7.14 -3.97
C LEU D 31 -34.36 8.08 -5.09
N LYS D 32 -34.50 9.37 -4.76
CA LYS D 32 -34.94 10.39 -5.74
C LYS D 32 -33.93 10.60 -6.87
N THR D 33 -32.64 10.42 -6.57
CA THR D 33 -31.58 10.50 -7.57
C THR D 33 -31.61 9.31 -8.53
N VAL D 34 -31.80 8.11 -7.99
CA VAL D 34 -31.96 6.90 -8.81
C VAL D 34 -33.22 6.99 -9.68
N ASN D 35 -34.28 7.61 -9.16
CA ASN D 35 -35.50 7.91 -9.95
C ASN D 35 -35.24 8.77 -11.20
N LYS D 36 -34.29 9.70 -11.11
CA LYS D 36 -33.85 10.49 -12.27
C LYS D 36 -33.16 9.62 -13.33
N ILE D 37 -32.31 8.69 -12.90
CA ILE D 37 -31.68 7.71 -13.81
C ILE D 37 -32.72 6.68 -14.34
N LEU D 38 -33.77 6.40 -13.56
CA LEU D 38 -34.83 5.50 -14.04
C LEU D 38 -35.71 6.09 -15.16
N GLN D 39 -35.93 7.41 -15.13
CA GLN D 39 -36.57 8.11 -16.27
C GLN D 39 -35.65 8.15 -17.49
N ILE D 40 -34.33 8.28 -17.25
CA ILE D 40 -33.32 8.16 -18.32
C ILE D 40 -33.26 6.74 -18.90
N ASN D 41 -33.33 5.73 -18.04
CA ASN D 41 -33.31 4.32 -18.46
C ASN D 41 -34.27 3.50 -17.59
N LYS D 42 -35.43 3.17 -18.15
CA LYS D 42 -36.46 2.38 -17.46
C LYS D 42 -35.94 1.03 -16.93
N ASP D 43 -35.05 0.38 -17.69
CA ASP D 43 -34.60 -0.98 -17.40
C ASP D 43 -33.07 -1.09 -17.14
N ASP D 44 -32.50 -0.12 -16.43
CA ASP D 44 -31.11 -0.19 -15.96
C ASP D 44 -31.04 -1.14 -14.75
N VAL D 45 -30.48 -2.34 -14.94
CA VAL D 45 -30.42 -3.34 -13.86
C VAL D 45 -29.81 -2.78 -12.57
N THR D 46 -28.64 -2.15 -12.68
CA THR D 46 -27.96 -1.61 -11.50
C THR D 46 -28.75 -0.48 -10.81
N ALA D 47 -29.57 0.25 -11.57
CA ALA D 47 -30.43 1.30 -11.01
C ALA D 47 -31.56 0.67 -10.19
N LEU D 48 -32.29 -0.25 -10.82
CA LEU D 48 -33.39 -0.96 -10.16
C LEU D 48 -32.93 -1.64 -8.86
N HIS D 49 -31.75 -2.24 -8.88
CA HIS D 49 -31.15 -2.86 -7.69
C HIS D 49 -31.03 -1.86 -6.55
N CYS D 50 -30.38 -0.73 -6.82
CA CYS D 50 -30.17 0.32 -5.81
C CYS D 50 -31.44 1.05 -5.38
N LYS D 51 -32.50 0.99 -6.20
CA LYS D 51 -33.81 1.49 -5.79
C LYS D 51 -34.36 0.60 -4.68
N VAL D 52 -34.36 -0.71 -4.94
CA VAL D 52 -34.79 -1.72 -3.98
C VAL D 52 -34.03 -1.57 -2.66
N VAL D 53 -32.71 -1.44 -2.76
CA VAL D 53 -31.87 -1.29 -1.58
C VAL D 53 -32.26 -0.03 -0.78
N CYS D 54 -32.49 1.07 -1.50
CA CYS D 54 -32.82 2.34 -0.85
C CYS D 54 -34.24 2.33 -0.28
N LEU D 55 -35.21 1.75 -1.00
CA LEU D 55 -36.58 1.57 -0.47
C LEU D 55 -36.66 0.63 0.77
N ILE D 56 -35.77 -0.36 0.82
CA ILE D 56 -35.61 -1.23 2.00
C ILE D 56 -35.17 -0.40 3.21
N GLN D 57 -34.13 0.42 3.02
CA GLN D 57 -33.63 1.29 4.10
C GLN D 57 -34.66 2.27 4.67
N ASN D 58 -35.64 2.66 3.87
CA ASN D 58 -36.75 3.52 4.34
C ASN D 58 -37.91 2.71 4.95
N GLY D 59 -37.81 1.38 4.93
CA GLY D 59 -38.87 0.52 5.38
C GLY D 59 -40.07 0.47 4.46
N SER D 60 -39.85 0.70 3.16
CA SER D 60 -40.95 0.67 2.16
C SER D 60 -40.98 -0.71 1.52
N PHE D 61 -41.13 -1.73 2.38
CA PHE D 61 -40.90 -3.11 1.98
C PHE D 61 -41.94 -3.62 0.99
N LYS D 62 -43.06 -2.91 0.85
CA LYS D 62 -44.06 -3.24 -0.19
C LYS D 62 -43.69 -2.62 -1.55
N GLU D 63 -43.15 -1.39 -1.54
CA GLU D 63 -42.71 -0.70 -2.76
C GLU D 63 -41.49 -1.40 -3.36
N ALA D 64 -40.47 -1.57 -2.51
CA ALA D 64 -39.28 -2.37 -2.85
C ALA D 64 -39.64 -3.74 -3.39
N LEU D 65 -40.65 -4.38 -2.81
CA LEU D 65 -41.09 -5.69 -3.27
C LEU D 65 -41.82 -5.58 -4.61
N ASN D 66 -42.65 -4.54 -4.74
CA ASN D 66 -43.39 -4.28 -5.99
C ASN D 66 -42.48 -4.01 -7.19
N VAL D 67 -41.42 -3.21 -6.98
CA VAL D 67 -40.37 -3.02 -7.97
C VAL D 67 -39.85 -4.36 -8.50
N ILE D 68 -39.43 -5.23 -7.59
CA ILE D 68 -38.86 -6.53 -7.97
C ILE D 68 -39.87 -7.37 -8.77
N ASN D 69 -41.14 -7.32 -8.37
CA ASN D 69 -42.18 -8.19 -8.94
C ASN D 69 -42.56 -7.80 -10.38
N THR D 70 -42.57 -6.50 -10.65
CA THR D 70 -42.85 -6.00 -12.01
C THR D 70 -41.67 -6.24 -12.97
N HIS D 71 -40.46 -5.89 -12.54
CA HIS D 71 -39.26 -5.97 -13.39
C HIS D 71 -38.59 -7.35 -13.34
N THR D 72 -39.36 -8.39 -13.64
CA THR D 72 -38.91 -9.78 -13.50
C THR D 72 -37.99 -10.16 -14.65
N LYS D 73 -38.49 -10.00 -15.88
CA LYS D 73 -37.70 -10.28 -17.09
C LYS D 73 -36.53 -9.31 -17.17
N VAL D 74 -36.80 -8.01 -16.98
CA VAL D 74 -35.76 -6.98 -16.96
C VAL D 74 -34.64 -7.20 -15.92
N LEU D 75 -34.93 -7.96 -14.85
CA LEU D 75 -33.91 -8.41 -13.87
C LEU D 75 -33.84 -9.95 -13.75
N ALA D 76 -33.75 -10.65 -14.88
CA ALA D 76 -33.49 -12.11 -14.85
C ALA D 76 -32.00 -12.46 -14.63
N ASN D 77 -31.11 -11.51 -14.93
CA ASN D 77 -29.66 -11.66 -14.65
C ASN D 77 -29.42 -11.67 -13.13
N ASN D 78 -29.51 -10.50 -12.49
CA ASN D 78 -29.44 -10.38 -11.03
C ASN D 78 -30.87 -10.33 -10.49
N SER D 79 -31.40 -11.47 -10.03
CA SER D 79 -32.85 -11.61 -9.69
C SER D 79 -33.29 -11.21 -8.26
N LEU D 80 -32.32 -11.02 -7.37
CA LEU D 80 -32.53 -10.37 -6.06
C LEU D 80 -33.45 -11.16 -5.10
N SER D 81 -33.29 -12.47 -5.07
CA SER D 81 -34.08 -13.32 -4.18
C SER D 81 -33.97 -12.90 -2.71
N PHE D 82 -32.74 -12.61 -2.26
CA PHE D 82 -32.51 -12.15 -0.90
C PHE D 82 -33.39 -10.95 -0.56
N GLU D 83 -33.24 -9.88 -1.33
CA GLU D 83 -33.99 -8.63 -1.08
C GLU D 83 -35.49 -8.90 -1.03
N LYS D 84 -35.97 -9.74 -1.93
CA LYS D 84 -37.38 -10.11 -2.00
C LYS D 84 -37.81 -10.83 -0.70
N ALA D 85 -37.06 -11.86 -0.33
CA ALA D 85 -37.33 -12.61 0.90
C ALA D 85 -37.24 -11.72 2.17
N TYR D 86 -36.25 -10.85 2.21
CA TYR D 86 -36.09 -9.92 3.31
C TYR D 86 -37.27 -8.97 3.46
N CYS D 87 -37.79 -8.50 2.32
CA CYS D 87 -39.00 -7.67 2.32
C CYS D 87 -40.22 -8.46 2.80
N GLU D 88 -40.42 -9.65 2.25
CA GLU D 88 -41.52 -10.52 2.69
C GLU D 88 -41.39 -10.86 4.19
N TYR D 89 -40.16 -11.12 4.61
CA TYR D 89 -39.85 -11.41 6.01
C TYR D 89 -40.21 -10.26 6.94
N ARG D 90 -39.82 -9.04 6.59
CA ARG D 90 -40.06 -7.88 7.48
C ARG D 90 -41.45 -7.30 7.39
N LEU D 91 -42.24 -7.79 6.44
CA LEU D 91 -43.67 -7.55 6.40
C LEU D 91 -44.43 -8.70 7.04
N ASN D 92 -43.70 -9.59 7.71
CA ASN D 92 -44.28 -10.70 8.43
C ASN D 92 -45.00 -11.72 7.54
N ARG D 93 -44.61 -11.74 6.26
CA ARG D 93 -45.12 -12.69 5.28
C ARG D 93 -44.13 -13.85 5.28
N ILE D 94 -44.18 -14.67 6.32
CA ILE D 94 -43.12 -15.64 6.59
C ILE D 94 -43.13 -16.80 5.63
N GLU D 95 -44.33 -17.32 5.33
CA GLU D 95 -44.47 -18.42 4.36
C GLU D 95 -44.03 -17.98 2.96
N ASN D 96 -44.28 -16.72 2.61
CA ASN D 96 -43.82 -16.16 1.35
C ASN D 96 -42.29 -16.14 1.30
N ALA D 97 -41.66 -15.54 2.31
CA ALA D 97 -40.20 -15.45 2.38
C ALA D 97 -39.53 -16.83 2.39
N LEU D 98 -40.20 -17.82 2.95
CA LEU D 98 -39.74 -19.21 2.84
C LEU D 98 -39.67 -19.64 1.38
N LYS D 99 -40.78 -19.48 0.66
CA LYS D 99 -40.88 -19.93 -0.75
C LYS D 99 -39.77 -19.30 -1.59
N THR D 100 -39.71 -17.97 -1.58
CA THR D 100 -38.65 -17.18 -2.22
C THR D 100 -37.24 -17.71 -1.95
N ILE D 101 -36.95 -18.05 -0.70
CA ILE D 101 -35.63 -18.55 -0.32
C ILE D 101 -35.39 -19.94 -0.92
N GLU D 102 -36.43 -20.76 -0.97
CA GLU D 102 -36.34 -22.11 -1.53
C GLU D 102 -36.35 -22.12 -3.06
N SER D 103 -37.06 -21.17 -3.67
CA SER D 103 -36.98 -20.92 -5.10
C SER D 103 -35.66 -20.27 -5.54
N ALA D 104 -34.88 -19.76 -4.58
CA ALA D 104 -33.77 -18.81 -4.82
C ALA D 104 -32.68 -19.26 -5.79
N ASN D 105 -31.89 -18.27 -6.21
CA ASN D 105 -30.91 -18.41 -7.29
C ASN D 105 -29.72 -19.19 -6.74
N GLN D 106 -29.02 -18.56 -5.80
CA GLN D 106 -27.73 -19.05 -5.30
C GLN D 106 -27.61 -18.82 -3.79
N GLN D 107 -27.12 -19.84 -3.07
CA GLN D 107 -27.02 -19.77 -1.62
C GLN D 107 -25.80 -18.93 -1.20
N THR D 108 -26.04 -17.65 -0.93
CA THR D 108 -25.08 -16.80 -0.21
C THR D 108 -25.25 -16.97 1.29
N ASP D 109 -24.31 -16.44 2.09
CA ASP D 109 -24.35 -16.61 3.55
C ASP D 109 -25.49 -15.83 4.19
N LYS D 110 -25.68 -14.57 3.78
CA LYS D 110 -26.77 -13.76 4.34
C LYS D 110 -28.16 -14.33 3.98
N LEU D 111 -28.23 -15.03 2.84
CA LEU D 111 -29.44 -15.76 2.44
C LEU D 111 -29.70 -16.98 3.32
N LYS D 112 -28.64 -17.66 3.78
CA LYS D 112 -28.79 -18.75 4.76
C LYS D 112 -29.25 -18.22 6.11
N GLU D 113 -28.50 -17.26 6.69
CA GLU D 113 -28.91 -16.60 7.94
C GLU D 113 -30.39 -16.18 7.97
N LEU D 114 -30.93 -15.74 6.84
CA LEU D 114 -32.35 -15.42 6.73
C LEU D 114 -33.22 -16.69 6.66
N TYR D 115 -32.77 -17.70 5.94
CA TYR D 115 -33.45 -19.00 5.93
C TYR D 115 -33.56 -19.54 7.37
N GLY D 116 -32.46 -19.44 8.11
CA GLY D 116 -32.41 -19.85 9.52
C GLY D 116 -33.39 -19.07 10.40
N GLN D 117 -33.43 -17.77 10.18
CA GLN D 117 -34.35 -16.90 10.90
C GLN D 117 -35.81 -17.24 10.56
N VAL D 118 -36.10 -17.45 9.29
CA VAL D 118 -37.46 -17.84 8.86
C VAL D 118 -37.86 -19.20 9.45
N LEU D 119 -36.94 -20.16 9.39
CA LEU D 119 -37.24 -21.47 9.91
C LEU D 119 -37.56 -21.37 11.40
N TYR D 120 -36.79 -20.56 12.11
CA TYR D 120 -37.04 -20.32 13.54
C TYR D 120 -38.44 -19.80 13.79
N ARG D 121 -38.88 -18.86 12.96
CA ARG D 121 -40.23 -18.30 13.08
C ARG D 121 -41.31 -19.33 12.83
N LEU D 122 -41.10 -20.21 11.86
CA LEU D 122 -42.01 -21.31 11.59
C LEU D 122 -41.85 -22.50 12.56
N GLU D 123 -41.15 -22.30 13.67
CA GLU D 123 -40.92 -23.34 14.70
C GLU D 123 -40.34 -24.66 14.20
N ARG D 124 -39.61 -24.62 13.09
CA ARG D 124 -39.01 -25.81 12.51
C ARG D 124 -37.56 -25.94 12.99
N TYR D 125 -37.40 -26.38 14.23
CA TYR D 125 -36.10 -26.28 14.90
C TYR D 125 -35.08 -27.34 14.46
N ASP D 126 -35.56 -28.40 13.79
CA ASP D 126 -34.68 -29.40 13.17
C ASP D 126 -33.84 -28.77 12.07
N GLU D 127 -34.53 -28.24 11.06
CA GLU D 127 -33.86 -27.69 9.90
C GLU D 127 -33.05 -26.47 10.30
N CYS D 128 -33.62 -25.65 11.19
CA CYS D 128 -32.96 -24.44 11.73
C CYS D 128 -31.59 -24.74 12.33
N LEU D 129 -31.52 -25.77 13.16
CA LEU D 129 -30.25 -26.16 13.80
C LEU D 129 -29.20 -26.51 12.76
N ALA D 130 -29.61 -27.27 11.73
CA ALA D 130 -28.74 -27.60 10.60
C ALA D 130 -28.19 -26.32 9.94
N VAL D 131 -29.10 -25.40 9.58
CA VAL D 131 -28.72 -24.18 8.92
C VAL D 131 -27.74 -23.35 9.75
N TYR D 132 -28.01 -23.17 11.05
CA TYR D 132 -27.13 -22.34 11.89
C TYR D 132 -25.77 -23.00 12.18
N ARG D 133 -25.73 -24.32 12.32
CA ARG D 133 -24.46 -25.02 12.44
C ARG D 133 -23.64 -24.97 11.14
N ASP D 134 -24.30 -25.24 10.02
CA ASP D 134 -23.69 -25.10 8.68
C ASP D 134 -23.08 -23.71 8.41
N LEU D 135 -23.76 -22.65 8.86
CA LEU D 135 -23.22 -21.29 8.74
C LEU D 135 -21.92 -21.13 9.51
N VAL D 136 -21.98 -21.43 10.80
CA VAL D 136 -20.85 -21.23 11.71
C VAL D 136 -19.66 -22.10 11.33
N ARG D 137 -19.93 -23.38 11.15
CA ARG D 137 -18.88 -24.38 10.93
C ARG D 137 -18.43 -24.52 9.45
N ASN D 138 -19.30 -24.18 8.50
CA ASN D 138 -19.01 -24.20 7.06
C ASN D 138 -18.65 -25.61 6.55
N VAL E 9 -16.92 -6.33 -5.47
CA VAL E 9 -17.89 -5.76 -6.44
C VAL E 9 -18.91 -4.86 -5.72
N SER E 10 -18.81 -3.55 -5.96
CA SER E 10 -19.74 -2.54 -5.39
C SER E 10 -19.89 -1.33 -6.33
N VAL E 11 -20.96 -1.32 -7.13
CA VAL E 11 -21.01 -0.51 -8.37
C VAL E 11 -21.20 1.00 -8.17
N PRO E 12 -22.28 1.44 -7.47
CA PRO E 12 -22.47 2.90 -7.32
C PRO E 12 -21.28 3.72 -6.78
N ALA E 13 -20.35 3.07 -6.07
CA ALA E 13 -19.06 3.68 -5.73
C ALA E 13 -18.07 3.70 -6.91
N LEU E 14 -17.99 2.60 -7.68
CA LEU E 14 -17.15 2.52 -8.90
C LEU E 14 -17.50 3.59 -9.96
N TRP E 15 -18.80 3.84 -10.13
CA TRP E 15 -19.29 4.94 -10.96
C TRP E 15 -18.88 6.29 -10.37
N SER E 16 -19.17 6.48 -9.08
CA SER E 16 -18.77 7.69 -8.35
C SER E 16 -17.25 7.94 -8.39
N GLU E 17 -16.47 6.86 -8.35
CA GLU E 17 -15.01 6.92 -8.38
C GLU E 17 -14.47 7.17 -9.80
N VAL E 18 -14.98 6.44 -10.79
CA VAL E 18 -14.56 6.62 -12.20
C VAL E 18 -15.08 7.93 -12.82
N ASN E 19 -16.19 8.47 -12.28
CA ASN E 19 -16.70 9.81 -12.65
C ASN E 19 -15.79 10.95 -12.17
N ARG E 20 -14.91 10.70 -11.20
CA ARG E 20 -13.88 11.67 -10.78
C ARG E 20 -12.65 11.65 -11.70
N TYR E 21 -12.43 10.54 -12.43
CA TYR E 21 -11.39 10.45 -13.47
C TYR E 21 -11.78 11.28 -14.71
N GLY E 22 -13.09 11.42 -14.95
CA GLY E 22 -13.63 12.29 -16.00
C GLY E 22 -13.59 13.77 -15.66
N GLN E 23 -13.55 14.08 -14.37
CA GLN E 23 -13.28 15.46 -13.89
C GLN E 23 -11.79 15.79 -14.00
N ASN E 24 -10.94 14.84 -13.63
CA ASN E 24 -9.48 14.99 -13.70
C ASN E 24 -8.98 14.89 -15.14
N GLY E 25 -9.17 13.73 -15.75
CA GLY E 25 -8.66 13.41 -17.07
C GLY E 25 -7.53 12.39 -17.04
N ASP E 26 -7.77 11.27 -16.36
CA ASP E 26 -6.92 10.08 -16.48
C ASP E 26 -7.82 9.00 -17.07
N PHE E 27 -7.73 8.83 -18.39
CA PHE E 27 -8.62 7.94 -19.14
C PHE E 27 -8.04 6.52 -19.36
N THR E 28 -6.79 6.27 -18.94
CA THR E 28 -6.15 4.96 -19.11
C THR E 28 -6.48 4.02 -17.95
N ARG E 29 -6.46 4.54 -16.72
CA ARG E 29 -6.90 3.79 -15.54
C ARG E 29 -8.43 3.75 -15.43
N ALA E 30 -9.10 4.85 -15.82
CA ALA E 30 -10.56 4.88 -15.95
C ALA E 30 -11.10 3.83 -16.94
N LEU E 31 -10.30 3.44 -17.93
CA LEU E 31 -10.65 2.34 -18.83
C LEU E 31 -10.76 1.00 -18.08
N LYS E 32 -9.69 0.62 -17.37
CA LYS E 32 -9.69 -0.66 -16.63
C LYS E 32 -10.61 -0.70 -15.38
N THR E 33 -11.06 0.47 -14.91
CA THR E 33 -12.16 0.56 -13.94
C THR E 33 -13.49 0.13 -14.57
N VAL E 34 -13.74 0.63 -15.78
CA VAL E 34 -14.97 0.30 -16.52
C VAL E 34 -14.88 -1.10 -17.16
N ASN E 35 -13.68 -1.69 -17.23
CA ASN E 35 -13.55 -3.15 -17.50
C ASN E 35 -13.88 -4.03 -16.27
N LYS E 36 -13.70 -3.49 -15.06
CA LYS E 36 -14.19 -4.15 -13.84
C LYS E 36 -15.71 -4.04 -13.69
N ILE E 37 -16.30 -2.91 -14.10
CA ILE E 37 -17.77 -2.77 -14.17
C ILE E 37 -18.35 -3.69 -15.27
N LEU E 38 -17.61 -3.88 -16.36
CA LEU E 38 -18.03 -4.79 -17.45
C LEU E 38 -17.73 -6.27 -17.15
N GLN E 39 -16.87 -6.53 -16.16
CA GLN E 39 -16.69 -7.88 -15.62
C GLN E 39 -17.94 -8.30 -14.83
N ILE E 40 -18.43 -7.40 -13.97
CA ILE E 40 -19.69 -7.61 -13.24
C ILE E 40 -20.83 -8.01 -14.19
N ASN E 41 -21.05 -7.23 -15.26
CA ASN E 41 -21.92 -7.66 -16.36
C ASN E 41 -21.41 -7.16 -17.71
N LYS E 42 -21.28 -8.09 -18.66
CA LYS E 42 -20.71 -7.80 -19.97
C LYS E 42 -21.59 -6.91 -20.88
N ASP E 43 -22.80 -6.53 -20.43
CA ASP E 43 -23.74 -5.77 -21.26
C ASP E 43 -24.34 -4.53 -20.59
N ASP E 44 -23.57 -3.87 -19.71
CA ASP E 44 -23.98 -2.58 -19.16
C ASP E 44 -23.78 -1.51 -20.23
N VAL E 45 -24.86 -0.84 -20.61
CA VAL E 45 -24.82 0.16 -21.69
C VAL E 45 -24.03 1.41 -21.29
N THR E 46 -24.23 1.89 -20.07
CA THR E 46 -23.46 3.04 -19.56
C THR E 46 -21.96 2.76 -19.44
N ALA E 47 -21.59 1.50 -19.20
CA ALA E 47 -20.19 1.09 -19.18
C ALA E 47 -19.59 1.10 -20.58
N LEU E 48 -20.25 0.41 -21.51
CA LEU E 48 -19.82 0.33 -22.92
C LEU E 48 -19.60 1.70 -23.57
N HIS E 49 -20.58 2.59 -23.41
CA HIS E 49 -20.46 3.98 -23.84
C HIS E 49 -19.16 4.58 -23.27
N CYS E 50 -19.01 4.52 -21.95
CA CYS E 50 -17.81 5.02 -21.26
C CYS E 50 -16.51 4.36 -21.70
N LYS E 51 -16.56 3.07 -22.04
CA LYS E 51 -15.38 2.37 -22.57
C LYS E 51 -15.03 2.90 -23.96
N VAL E 52 -16.05 3.11 -24.79
CA VAL E 52 -15.88 3.73 -26.11
C VAL E 52 -15.33 5.15 -25.98
N VAL E 53 -15.92 5.94 -25.08
CA VAL E 53 -15.45 7.31 -24.85
C VAL E 53 -13.99 7.37 -24.38
N CYS E 54 -13.58 6.45 -23.51
CA CYS E 54 -12.21 6.43 -22.97
C CYS E 54 -11.19 5.99 -24.04
N LEU E 55 -11.45 4.82 -24.62
CA LEU E 55 -10.64 4.29 -25.74
C LEU E 55 -10.40 5.33 -26.85
N ILE E 56 -11.35 6.24 -27.04
CA ILE E 56 -11.18 7.40 -27.94
C ILE E 56 -10.13 8.40 -27.42
N GLN E 57 -10.21 8.81 -26.15
CA GLN E 57 -9.23 9.77 -25.58
C GLN E 57 -7.78 9.24 -25.59
N ASN E 58 -7.63 7.91 -25.52
CA ASN E 58 -6.30 7.29 -25.54
C ASN E 58 -5.86 6.88 -26.95
N GLY E 59 -6.48 7.43 -27.99
CA GLY E 59 -6.11 7.15 -29.39
C GLY E 59 -6.21 5.68 -29.77
N SER E 60 -7.14 4.97 -29.14
CA SER E 60 -7.29 3.53 -29.32
C SER E 60 -8.54 3.37 -30.17
N PHE E 61 -8.45 3.89 -31.39
CA PHE E 61 -9.63 4.08 -32.23
C PHE E 61 -10.15 2.74 -32.70
N LYS E 62 -9.27 1.82 -33.08
CA LYS E 62 -9.69 0.46 -33.46
C LYS E 62 -10.33 -0.35 -32.32
N GLU E 63 -9.92 -0.11 -31.07
CA GLU E 63 -10.53 -0.77 -29.92
C GLU E 63 -11.95 -0.27 -29.76
N ALA E 64 -12.11 1.03 -29.55
CA ALA E 64 -13.44 1.65 -29.46
C ALA E 64 -14.36 1.21 -30.61
N LEU E 65 -13.80 1.12 -31.81
CA LEU E 65 -14.57 0.74 -32.99
C LEU E 65 -14.93 -0.73 -32.95
N ASN E 66 -14.01 -1.55 -32.46
CA ASN E 66 -14.26 -2.98 -32.23
C ASN E 66 -15.38 -3.20 -31.22
N VAL E 67 -15.33 -2.48 -30.09
CA VAL E 67 -16.39 -2.54 -29.06
C VAL E 67 -17.76 -2.30 -29.71
N ILE E 68 -17.88 -1.22 -30.47
CA ILE E 68 -19.16 -0.80 -31.07
C ILE E 68 -19.69 -1.85 -32.05
N ASN E 69 -18.80 -2.43 -32.86
CA ASN E 69 -19.22 -3.39 -33.89
C ASN E 69 -19.56 -4.79 -33.38
N THR E 70 -19.06 -5.17 -32.19
CA THR E 70 -19.42 -6.44 -31.53
C THR E 70 -20.64 -6.34 -30.59
N HIS E 71 -20.89 -5.16 -30.03
CA HIS E 71 -22.03 -4.91 -29.12
C HIS E 71 -23.19 -4.22 -29.86
N THR E 72 -23.59 -4.78 -30.99
CA THR E 72 -24.59 -4.15 -31.86
C THR E 72 -26.02 -4.20 -31.27
N LYS E 73 -26.52 -5.42 -31.04
CA LYS E 73 -27.87 -5.63 -30.47
C LYS E 73 -27.98 -5.05 -29.06
N VAL E 74 -26.88 -5.08 -28.31
CA VAL E 74 -26.82 -4.53 -26.94
C VAL E 74 -26.93 -2.99 -26.92
N LEU E 75 -26.47 -2.33 -28.00
CA LEU E 75 -26.45 -0.86 -28.11
C LEU E 75 -27.50 -0.27 -29.07
N ALA E 76 -28.49 -1.06 -29.49
CA ALA E 76 -29.57 -0.53 -30.36
C ALA E 76 -30.51 0.35 -29.52
N ASN E 77 -31.15 1.31 -30.19
CA ASN E 77 -31.92 2.37 -29.51
C ASN E 77 -31.04 3.17 -28.52
N ASN E 78 -29.77 3.30 -28.87
CA ASN E 78 -28.74 3.89 -27.99
C ASN E 78 -27.57 4.38 -28.89
N SER E 79 -27.70 5.62 -29.36
CA SER E 79 -26.93 6.24 -30.47
C SER E 79 -25.60 5.61 -30.92
N LEU E 80 -24.47 6.18 -30.46
CA LEU E 80 -23.10 5.74 -30.81
C LEU E 80 -22.63 5.84 -32.28
N SER E 81 -23.37 6.55 -33.13
CA SER E 81 -22.96 6.74 -34.54
C SER E 81 -21.87 7.80 -34.67
N PHE E 82 -21.95 8.84 -33.83
CA PHE E 82 -20.89 9.83 -33.78
C PHE E 82 -19.56 9.18 -33.46
N GLU E 83 -19.51 8.45 -32.35
CA GLU E 83 -18.27 7.81 -31.91
C GLU E 83 -17.69 6.87 -32.97
N LYS E 84 -18.58 6.15 -33.67
CA LYS E 84 -18.17 5.25 -34.75
C LYS E 84 -17.53 6.04 -35.89
N ALA E 85 -18.26 7.04 -36.38
CA ALA E 85 -17.83 7.87 -37.49
C ALA E 85 -16.54 8.61 -37.18
N TYR E 86 -16.45 9.13 -35.96
CA TYR E 86 -15.26 9.80 -35.46
C TYR E 86 -14.05 8.87 -35.47
N CYS E 87 -14.26 7.64 -35.01
CA CYS E 87 -13.18 6.65 -35.01
C CYS E 87 -12.75 6.35 -36.43
N GLU E 88 -13.71 6.13 -37.32
CA GLU E 88 -13.41 5.90 -38.74
C GLU E 88 -12.68 7.13 -39.32
N TYR E 89 -13.15 8.31 -38.95
CA TYR E 89 -12.51 9.54 -39.40
C TYR E 89 -11.06 9.65 -38.95
N ARG E 90 -10.78 9.40 -37.68
CA ARG E 90 -9.41 9.49 -37.16
C ARG E 90 -8.46 8.44 -37.73
N LEU E 91 -9.01 7.40 -38.37
CA LEU E 91 -8.19 6.35 -38.99
C LEU E 91 -8.11 6.50 -40.51
N ASN E 92 -8.54 7.64 -41.02
CA ASN E 92 -8.60 7.90 -42.45
C ASN E 92 -9.59 6.98 -43.22
N ARG E 93 -10.54 6.38 -42.52
CA ARG E 93 -11.58 5.60 -43.17
C ARG E 93 -12.72 6.62 -43.43
N ILE E 94 -12.54 7.46 -44.45
CA ILE E 94 -13.43 8.61 -44.74
C ILE E 94 -14.73 8.18 -45.39
N GLU E 95 -14.64 7.34 -46.41
CA GLU E 95 -15.81 6.72 -47.05
C GLU E 95 -16.70 6.01 -46.01
N ASN E 96 -16.09 5.30 -45.06
CA ASN E 96 -16.83 4.61 -43.99
C ASN E 96 -17.56 5.61 -43.10
N ALA E 97 -16.83 6.60 -42.61
CA ALA E 97 -17.38 7.69 -41.78
C ALA E 97 -18.58 8.37 -42.43
N LEU E 98 -18.53 8.56 -43.76
CA LEU E 98 -19.61 9.21 -44.48
C LEU E 98 -20.87 8.37 -44.37
N LYS E 99 -20.73 7.08 -44.66
CA LYS E 99 -21.82 6.11 -44.54
C LYS E 99 -22.42 6.07 -43.13
N THR E 100 -21.55 5.97 -42.13
CA THR E 100 -21.95 5.98 -40.73
C THR E 100 -22.80 7.21 -40.35
N ILE E 101 -22.38 8.38 -40.83
CA ILE E 101 -23.09 9.63 -40.55
C ILE E 101 -24.37 9.72 -41.37
N GLU E 102 -24.29 9.43 -42.67
CA GLU E 102 -25.46 9.56 -43.57
C GLU E 102 -26.59 8.56 -43.29
N SER E 103 -26.32 7.56 -42.46
CA SER E 103 -27.31 6.56 -42.06
C SER E 103 -27.48 6.55 -40.55
N ALA E 104 -27.26 7.68 -39.91
CA ALA E 104 -27.20 7.72 -38.45
C ALA E 104 -28.59 7.83 -37.83
N ASN E 105 -28.67 7.36 -36.59
CA ASN E 105 -29.82 7.58 -35.69
C ASN E 105 -30.33 9.05 -35.71
N GLN E 106 -29.67 9.94 -34.96
CA GLN E 106 -30.20 11.27 -34.69
C GLN E 106 -29.16 12.39 -34.85
N GLN E 107 -29.54 13.47 -35.55
CA GLN E 107 -28.69 14.66 -35.74
C GLN E 107 -28.37 15.36 -34.44
N THR E 108 -27.09 15.64 -34.25
CA THR E 108 -26.61 16.51 -33.19
C THR E 108 -25.65 17.47 -33.86
N ASP E 109 -25.29 18.53 -33.13
CA ASP E 109 -24.39 19.56 -33.67
C ASP E 109 -22.98 19.03 -33.90
N LYS E 110 -22.46 18.26 -32.95
CA LYS E 110 -21.13 17.63 -33.11
C LYS E 110 -21.10 16.64 -34.30
N LEU E 111 -22.19 15.90 -34.50
CA LEU E 111 -22.33 15.02 -35.66
C LEU E 111 -22.48 15.79 -36.96
N LYS E 112 -23.11 16.97 -36.88
CA LYS E 112 -23.25 17.85 -38.04
C LYS E 112 -21.86 18.38 -38.44
N GLU E 113 -21.10 18.86 -37.47
CA GLU E 113 -19.74 19.34 -37.74
C GLU E 113 -18.86 18.30 -38.41
N LEU E 114 -18.89 17.07 -37.90
CA LEU E 114 -18.04 15.99 -38.42
C LEU E 114 -18.40 15.64 -39.87
N TYR E 115 -19.70 15.66 -40.17
CA TYR E 115 -20.16 15.57 -41.56
C TYR E 115 -19.54 16.66 -42.44
N GLY E 116 -19.32 17.84 -41.87
CA GLY E 116 -18.62 18.93 -42.53
C GLY E 116 -17.18 18.58 -42.81
N GLN E 117 -16.47 18.16 -41.76
CA GLN E 117 -15.07 17.77 -41.88
C GLN E 117 -14.90 16.68 -42.96
N VAL E 118 -15.85 15.73 -42.99
CA VAL E 118 -15.79 14.61 -43.92
C VAL E 118 -16.06 15.04 -45.37
N LEU E 119 -17.05 15.90 -45.56
CA LEU E 119 -17.31 16.49 -46.86
C LEU E 119 -16.11 17.31 -47.33
N TYR E 120 -15.51 18.08 -46.41
CA TYR E 120 -14.31 18.85 -46.76
C TYR E 120 -13.25 17.91 -47.29
N ARG E 121 -12.99 16.84 -46.55
CA ARG E 121 -12.03 15.83 -46.98
C ARG E 121 -12.31 15.16 -48.32
N LEU E 122 -13.58 15.00 -48.70
CA LEU E 122 -13.93 14.40 -49.99
C LEU E 122 -14.01 15.46 -51.10
N GLU E 123 -13.55 16.67 -50.81
CA GLU E 123 -13.61 17.78 -51.78
C GLU E 123 -15.01 18.06 -52.32
N ARG E 124 -16.01 17.87 -51.46
CA ARG E 124 -17.40 18.14 -51.76
C ARG E 124 -17.74 19.42 -51.02
N TYR E 125 -17.41 20.54 -51.66
CA TYR E 125 -17.35 21.85 -51.01
C TYR E 125 -18.66 22.62 -51.00
N ASP E 126 -19.54 22.39 -51.98
CA ASP E 126 -20.87 23.02 -51.94
C ASP E 126 -21.62 22.45 -50.76
N GLU E 127 -21.59 21.12 -50.65
CA GLU E 127 -22.31 20.43 -49.60
C GLU E 127 -21.74 20.82 -48.26
N CYS E 128 -20.41 20.98 -48.22
CA CYS E 128 -19.69 21.36 -47.01
C CYS E 128 -20.13 22.75 -46.55
N LEU E 129 -20.10 23.73 -47.47
CA LEU E 129 -20.56 25.11 -47.20
C LEU E 129 -21.95 25.12 -46.56
N ALA E 130 -22.87 24.35 -47.15
CA ALA E 130 -24.26 24.20 -46.69
C ALA E 130 -24.38 23.71 -45.25
N VAL E 131 -23.61 22.67 -44.94
CA VAL E 131 -23.54 22.08 -43.60
C VAL E 131 -23.01 23.07 -42.55
N TYR E 132 -21.89 23.71 -42.87
CA TYR E 132 -21.28 24.69 -41.96
C TYR E 132 -22.17 25.92 -41.80
N ARG E 133 -22.82 26.35 -42.88
CA ARG E 133 -23.75 27.48 -42.80
C ARG E 133 -24.93 27.15 -41.91
N ASP E 134 -25.54 25.99 -42.16
CA ASP E 134 -26.63 25.46 -41.33
C ASP E 134 -26.18 25.40 -39.88
N LEU E 135 -24.99 24.85 -39.64
CA LEU E 135 -24.43 24.75 -38.28
C LEU E 135 -24.51 26.04 -37.50
N VAL E 136 -23.99 27.12 -38.08
CA VAL E 136 -23.88 28.39 -37.35
C VAL E 136 -25.16 29.25 -37.40
N ARG E 137 -26.07 29.02 -38.34
CA ARG E 137 -27.43 29.57 -38.21
C ARG E 137 -28.02 29.11 -36.87
N ASN E 138 -27.92 27.80 -36.59
CA ASN E 138 -28.54 27.16 -35.42
C ASN E 138 -27.51 26.74 -34.35
N VAL F 9 -36.88 65.97 -15.59
CA VAL F 9 -35.94 65.95 -16.76
C VAL F 9 -34.52 65.54 -16.32
N SER F 10 -34.39 64.36 -15.72
CA SER F 10 -33.12 63.83 -15.22
C SER F 10 -32.60 62.67 -16.10
N VAL F 11 -31.30 62.71 -16.41
CA VAL F 11 -30.70 61.80 -17.40
C VAL F 11 -30.69 60.32 -16.96
N PRO F 12 -30.23 60.02 -15.73
CA PRO F 12 -30.26 58.62 -15.27
C PRO F 12 -31.66 57.98 -15.18
N ALA F 13 -32.71 58.81 -15.08
CA ALA F 13 -34.09 58.32 -15.17
C ALA F 13 -34.46 57.91 -16.59
N LEU F 14 -34.03 58.70 -17.58
CA LEU F 14 -34.28 58.42 -19.00
C LEU F 14 -33.63 57.11 -19.43
N TRP F 15 -32.34 56.94 -19.12
CA TRP F 15 -31.62 55.69 -19.38
C TRP F 15 -32.35 54.47 -18.83
N SER F 16 -32.96 54.62 -17.66
CA SER F 16 -33.76 53.56 -17.05
C SER F 16 -34.99 53.21 -17.89
N GLU F 17 -35.60 54.22 -18.51
CA GLU F 17 -36.67 54.01 -19.49
C GLU F 17 -36.15 53.40 -20.80
N VAL F 18 -35.09 53.99 -21.36
CA VAL F 18 -34.43 53.47 -22.58
C VAL F 18 -34.14 51.97 -22.43
N ASN F 19 -33.66 51.56 -21.25
CA ASN F 19 -33.45 50.16 -20.92
C ASN F 19 -34.78 49.39 -20.84
N ARG F 20 -35.74 49.94 -20.12
CA ARG F 20 -37.05 49.27 -19.89
C ARG F 20 -37.76 48.93 -21.21
N TYR F 21 -37.78 49.88 -22.14
CA TYR F 21 -38.37 49.70 -23.48
C TYR F 21 -37.63 48.66 -24.32
N GLY F 22 -36.29 48.70 -24.26
CA GLY F 22 -35.44 47.69 -24.90
C GLY F 22 -35.66 46.26 -24.43
N GLN F 23 -36.05 46.09 -23.16
CA GLN F 23 -36.45 44.77 -22.64
C GLN F 23 -37.76 44.32 -23.26
N ASN F 24 -38.72 45.22 -23.35
CA ASN F 24 -40.04 44.92 -23.94
C ASN F 24 -40.05 44.94 -25.47
N GLY F 25 -38.94 45.37 -26.08
CA GLY F 25 -38.84 45.47 -27.53
C GLY F 25 -39.56 46.67 -28.13
N ASP F 26 -40.00 47.63 -27.31
CA ASP F 26 -40.62 48.86 -27.82
C ASP F 26 -39.50 49.85 -28.22
N PHE F 27 -38.78 49.50 -29.28
CA PHE F 27 -37.68 50.34 -29.76
C PHE F 27 -38.11 51.66 -30.38
N THR F 28 -39.41 51.80 -30.70
CA THR F 28 -39.98 53.03 -31.23
C THR F 28 -40.00 54.11 -30.17
N ARG F 29 -40.44 53.75 -28.97
CA ARG F 29 -40.38 54.66 -27.82
C ARG F 29 -38.94 54.84 -27.33
N ALA F 30 -38.23 53.73 -27.09
CA ALA F 30 -36.80 53.79 -26.74
C ALA F 30 -35.99 54.76 -27.63
N LEU F 31 -36.30 54.81 -28.92
CA LEU F 31 -35.70 55.79 -29.83
C LEU F 31 -36.05 57.22 -29.41
N LYS F 32 -37.32 57.47 -29.06
CA LYS F 32 -37.76 58.80 -28.62
C LYS F 32 -37.06 59.25 -27.32
N THR F 33 -36.97 58.32 -26.36
CA THR F 33 -36.29 58.56 -25.09
C THR F 33 -34.79 58.83 -25.29
N VAL F 34 -34.16 58.17 -26.25
CA VAL F 34 -32.75 58.42 -26.57
C VAL F 34 -32.56 59.75 -27.32
N ASN F 35 -33.56 60.14 -28.11
CA ASN F 35 -33.55 61.46 -28.76
C ASN F 35 -33.71 62.61 -27.74
N LYS F 36 -34.41 62.35 -26.64
CA LYS F 36 -34.47 63.30 -25.51
C LYS F 36 -33.10 63.51 -24.85
N ILE F 37 -32.34 62.43 -24.69
CA ILE F 37 -30.97 62.52 -24.15
C ILE F 37 -30.05 63.25 -25.15
N LEU F 38 -30.34 63.15 -26.44
CA LEU F 38 -29.59 63.87 -27.49
C LEU F 38 -29.93 65.36 -27.62
N GLN F 39 -31.11 65.78 -27.14
CA GLN F 39 -31.41 67.20 -26.97
C GLN F 39 -30.48 67.78 -25.90
N ILE F 40 -30.41 67.08 -24.76
CA ILE F 40 -29.52 67.44 -23.65
C ILE F 40 -28.05 67.53 -24.09
N ASN F 41 -27.57 66.51 -24.80
CA ASN F 41 -26.18 66.48 -25.30
C ASN F 41 -26.12 65.93 -26.72
N LYS F 42 -25.82 66.81 -27.68
CA LYS F 42 -25.76 66.46 -29.10
C LYS F 42 -24.71 65.38 -29.49
N ASP F 43 -23.79 65.07 -28.57
CA ASP F 43 -22.69 64.14 -28.87
C ASP F 43 -22.40 63.18 -27.71
N ASP F 44 -23.45 62.75 -27.00
CA ASP F 44 -23.34 61.69 -25.98
C ASP F 44 -23.09 60.38 -26.72
N VAL F 45 -21.81 59.99 -26.77
CA VAL F 45 -21.35 58.80 -27.49
C VAL F 45 -22.21 57.56 -27.19
N THR F 46 -22.49 57.31 -25.92
CA THR F 46 -23.31 56.16 -25.52
C THR F 46 -24.76 56.26 -26.02
N ALA F 47 -25.30 57.48 -26.10
CA ALA F 47 -26.65 57.69 -26.63
C ALA F 47 -26.71 57.42 -28.13
N LEU F 48 -25.76 57.97 -28.88
CA LEU F 48 -25.68 57.79 -30.35
C LEU F 48 -25.68 56.30 -30.74
N HIS F 49 -24.88 55.50 -30.03
CA HIS F 49 -24.84 54.05 -30.18
C HIS F 49 -26.24 53.45 -30.02
N CYS F 50 -26.95 53.83 -28.97
CA CYS F 50 -28.32 53.35 -28.75
C CYS F 50 -29.27 53.77 -29.84
N LYS F 51 -29.05 54.97 -30.38
CA LYS F 51 -29.89 55.46 -31.46
C LYS F 51 -29.67 54.58 -32.68
N VAL F 52 -28.40 54.29 -32.97
CA VAL F 52 -28.05 53.37 -34.05
C VAL F 52 -28.69 51.99 -33.84
N VAL F 53 -28.65 51.48 -32.60
CA VAL F 53 -29.25 50.19 -32.29
C VAL F 53 -30.76 50.23 -32.44
N CYS F 54 -31.39 51.23 -31.86
CA CYS F 54 -32.84 51.40 -31.96
C CYS F 54 -33.33 51.48 -33.42
N LEU F 55 -32.70 52.35 -34.20
CA LEU F 55 -33.05 52.51 -35.61
C LEU F 55 -32.90 51.21 -36.41
N ILE F 56 -31.86 50.44 -36.08
CA ILE F 56 -31.64 49.11 -36.67
C ILE F 56 -32.76 48.14 -36.31
N GLN F 57 -33.19 48.15 -35.05
CA GLN F 57 -34.33 47.33 -34.63
C GLN F 57 -35.64 47.74 -35.35
N ASN F 58 -35.80 49.04 -35.58
CA ASN F 58 -36.97 49.56 -36.28
C ASN F 58 -37.02 49.28 -37.79
N GLY F 59 -35.93 48.79 -38.36
CA GLY F 59 -35.81 48.60 -39.81
C GLY F 59 -35.45 49.89 -40.53
N SER F 60 -34.92 50.85 -39.79
CA SER F 60 -34.57 52.17 -40.32
C SER F 60 -33.07 52.22 -40.59
N PHE F 61 -32.64 51.44 -41.58
CA PHE F 61 -31.21 51.19 -41.81
C PHE F 61 -30.50 52.38 -42.44
N LYS F 62 -31.16 53.09 -43.36
CA LYS F 62 -30.59 54.33 -43.92
C LYS F 62 -30.44 55.40 -42.86
N GLU F 63 -31.43 55.51 -41.97
CA GLU F 63 -31.34 56.47 -40.85
C GLU F 63 -30.17 56.16 -39.94
N ALA F 64 -30.11 54.91 -39.48
CA ALA F 64 -29.01 54.43 -38.63
C ALA F 64 -27.66 54.63 -39.29
N LEU F 65 -27.62 54.49 -40.61
CA LEU F 65 -26.41 54.71 -41.39
C LEU F 65 -26.03 56.19 -41.35
N ASN F 66 -27.02 57.07 -41.44
CA ASN F 66 -26.80 58.53 -41.34
C ASN F 66 -26.34 59.01 -39.94
N VAL F 67 -26.80 58.37 -38.87
CA VAL F 67 -26.32 58.69 -37.52
C VAL F 67 -24.83 58.37 -37.35
N ILE F 68 -24.37 57.30 -37.99
CA ILE F 68 -22.95 56.87 -37.96
C ILE F 68 -22.09 57.74 -38.89
N ASN F 69 -22.55 57.94 -40.11
CA ASN F 69 -21.79 58.65 -41.15
C ASN F 69 -21.57 60.14 -40.86
N THR F 70 -22.52 60.78 -40.17
CA THR F 70 -22.43 62.22 -39.84
C THR F 70 -21.74 62.52 -38.49
N HIS F 71 -21.54 61.51 -37.64
CA HIS F 71 -20.89 61.70 -36.34
C HIS F 71 -19.54 60.97 -36.29
N THR F 72 -18.77 61.10 -37.37
CA THR F 72 -17.54 60.30 -37.57
C THR F 72 -16.48 60.63 -36.52
N LYS F 73 -16.03 61.88 -36.49
CA LYS F 73 -14.97 62.33 -35.57
C LYS F 73 -15.33 62.07 -34.10
N VAL F 74 -16.60 62.33 -33.77
CA VAL F 74 -17.14 62.09 -32.42
C VAL F 74 -17.09 60.61 -32.01
N LEU F 75 -17.33 59.73 -33.00
CA LEU F 75 -17.40 58.27 -32.80
C LEU F 75 -16.10 57.50 -33.10
N ALA F 76 -14.96 58.18 -33.16
CA ALA F 76 -13.67 57.48 -33.28
C ALA F 76 -13.35 56.66 -32.01
N ASN F 77 -13.79 57.17 -30.85
CA ASN F 77 -13.64 56.50 -29.54
C ASN F 77 -14.07 55.03 -29.58
N ASN F 78 -15.27 54.79 -30.11
CA ASN F 78 -15.73 53.44 -30.45
C ASN F 78 -16.37 53.45 -31.84
N SER F 79 -15.62 52.98 -32.84
CA SER F 79 -16.09 52.93 -34.23
C SER F 79 -17.13 51.82 -34.40
N LEU F 80 -18.14 52.08 -35.23
CA LEU F 80 -19.29 51.18 -35.39
C LEU F 80 -19.27 50.43 -36.71
N SER F 81 -18.12 49.83 -37.03
CA SER F 81 -17.97 49.11 -38.28
C SER F 81 -19.02 48.01 -38.46
N PHE F 82 -19.33 47.28 -37.40
CA PHE F 82 -20.31 46.22 -37.48
C PHE F 82 -21.67 46.80 -37.88
N GLU F 83 -22.18 47.69 -37.05
CA GLU F 83 -23.51 48.29 -37.24
C GLU F 83 -23.68 48.84 -38.66
N LYS F 84 -22.63 49.51 -39.13
CA LYS F 84 -22.58 50.13 -40.45
C LYS F 84 -22.69 49.07 -41.56
N ALA F 85 -21.87 48.01 -41.45
CA ALA F 85 -21.86 46.93 -42.45
C ALA F 85 -23.17 46.15 -42.43
N TYR F 86 -23.70 45.92 -41.23
CA TYR F 86 -25.01 45.34 -41.08
C TYR F 86 -26.07 46.18 -41.79
N CYS F 87 -26.09 47.48 -41.54
CA CYS F 87 -27.03 48.38 -42.23
C CYS F 87 -26.86 48.32 -43.75
N GLU F 88 -25.62 48.28 -44.24
CA GLU F 88 -25.37 48.21 -45.68
C GLU F 88 -25.85 46.86 -46.22
N TYR F 89 -25.61 45.82 -45.43
CA TYR F 89 -25.98 44.46 -45.78
C TYR F 89 -27.49 44.31 -45.86
N ARG F 90 -28.17 44.80 -44.84
CA ARG F 90 -29.64 44.80 -44.82
C ARG F 90 -30.28 45.65 -45.94
N LEU F 91 -29.53 46.61 -46.48
CA LEU F 91 -29.96 47.43 -47.62
C LEU F 91 -29.51 46.91 -48.98
N ASN F 92 -29.08 45.66 -49.04
CA ASN F 92 -28.56 45.06 -50.27
C ASN F 92 -27.38 45.80 -50.88
N ARG F 93 -26.63 46.52 -50.04
CA ARG F 93 -25.43 47.22 -50.50
C ARG F 93 -24.29 46.32 -50.08
N ILE F 94 -24.05 45.29 -50.90
CA ILE F 94 -23.17 44.18 -50.51
C ILE F 94 -21.71 44.57 -50.67
N GLU F 95 -21.39 45.14 -51.82
CA GLU F 95 -20.05 45.65 -52.07
C GLU F 95 -19.63 46.67 -50.99
N ASN F 96 -20.57 47.50 -50.53
CA ASN F 96 -20.32 48.42 -49.41
C ASN F 96 -20.08 47.71 -48.10
N ALA F 97 -20.90 46.70 -47.81
CA ALA F 97 -20.72 45.91 -46.58
C ALA F 97 -19.34 45.24 -46.56
N LEU F 98 -18.85 44.80 -47.70
CA LEU F 98 -17.53 44.19 -47.79
C LEU F 98 -16.46 45.19 -47.40
N LYS F 99 -16.48 46.36 -48.03
CA LYS F 99 -15.47 47.41 -47.80
C LYS F 99 -15.47 47.84 -46.33
N THR F 100 -16.65 47.99 -45.73
CA THR F 100 -16.75 48.33 -44.32
C THR F 100 -16.12 47.24 -43.46
N ILE F 101 -16.44 45.99 -43.76
CA ILE F 101 -15.96 44.86 -42.96
C ILE F 101 -14.44 44.72 -43.04
N GLU F 102 -13.91 44.78 -44.26
CA GLU F 102 -12.49 44.54 -44.49
C GLU F 102 -11.58 45.63 -43.91
N SER F 103 -12.14 46.82 -43.69
CA SER F 103 -11.40 47.93 -43.06
C SER F 103 -11.80 48.15 -41.59
N ALA F 104 -12.46 47.18 -40.96
CA ALA F 104 -13.10 47.40 -39.67
C ALA F 104 -12.10 47.42 -38.52
N ASN F 105 -12.49 48.13 -37.46
CA ASN F 105 -11.73 48.18 -36.18
C ASN F 105 -11.17 46.80 -35.75
N GLN F 106 -12.05 45.93 -35.25
CA GLN F 106 -11.64 44.64 -34.67
C GLN F 106 -12.48 43.47 -35.19
N GLN F 107 -11.83 42.41 -35.69
CA GLN F 107 -12.56 41.25 -36.22
C GLN F 107 -13.09 40.39 -35.05
N THR F 108 -14.37 40.58 -34.71
CA THR F 108 -15.11 39.76 -33.72
C THR F 108 -16.00 38.71 -34.39
N ASP F 109 -16.71 37.90 -33.60
CA ASP F 109 -17.45 36.75 -34.15
C ASP F 109 -18.66 37.12 -34.98
N LYS F 110 -19.54 37.97 -34.45
CA LYS F 110 -20.69 38.43 -35.23
C LYS F 110 -20.27 39.21 -36.48
N LEU F 111 -19.13 39.90 -36.39
CA LEU F 111 -18.50 40.54 -37.58
C LEU F 111 -18.04 39.50 -38.57
N LYS F 112 -17.46 38.41 -38.07
CA LYS F 112 -16.97 37.29 -38.89
C LYS F 112 -18.11 36.60 -39.64
N GLU F 113 -19.23 36.37 -38.96
CA GLU F 113 -20.41 35.76 -39.58
C GLU F 113 -21.00 36.65 -40.69
N LEU F 114 -21.08 37.95 -40.44
CA LEU F 114 -21.56 38.90 -41.45
C LEU F 114 -20.66 38.88 -42.67
N TYR F 115 -19.35 38.84 -42.42
CA TYR F 115 -18.36 38.69 -43.50
C TYR F 115 -18.60 37.39 -44.27
N GLY F 116 -19.05 36.37 -43.54
CA GLY F 116 -19.45 35.13 -44.16
C GLY F 116 -20.61 35.30 -45.13
N GLN F 117 -21.68 35.90 -44.60
CA GLN F 117 -22.89 36.16 -45.36
CA GLN F 117 -22.90 36.15 -45.39
C GLN F 117 -22.59 37.02 -46.59
N VAL F 118 -21.79 38.07 -46.40
CA VAL F 118 -21.45 38.98 -47.48
C VAL F 118 -20.74 38.19 -48.59
N LEU F 119 -19.79 37.34 -48.22
CA LEU F 119 -19.05 36.57 -49.20
C LEU F 119 -19.97 35.58 -49.94
N TYR F 120 -20.94 35.00 -49.23
CA TYR F 120 -21.95 34.12 -49.86
C TYR F 120 -22.77 34.88 -50.90
N ARG F 121 -23.23 36.08 -50.56
CA ARG F 121 -23.98 36.91 -51.53
C ARG F 121 -23.14 37.30 -52.74
N LEU F 122 -21.82 37.43 -52.57
CA LEU F 122 -20.90 37.74 -53.67
C LEU F 122 -20.41 36.52 -54.45
N GLU F 123 -20.87 35.33 -54.07
CA GLU F 123 -20.51 34.09 -54.74
C GLU F 123 -19.02 33.81 -54.66
N ARG F 124 -18.43 34.11 -53.51
CA ARG F 124 -17.02 33.89 -53.29
C ARG F 124 -16.98 32.79 -52.27
N TYR F 125 -17.16 31.58 -52.78
CA TYR F 125 -17.52 30.45 -51.91
C TYR F 125 -16.31 29.84 -51.18
N ASP F 126 -15.17 29.75 -51.86
CA ASP F 126 -13.94 29.28 -51.19
C ASP F 126 -13.64 30.10 -49.91
N GLU F 127 -13.68 31.42 -50.02
CA GLU F 127 -13.37 32.31 -48.90
C GLU F 127 -14.46 32.19 -47.83
N CYS F 128 -15.71 32.20 -48.29
CA CYS F 128 -16.89 31.98 -47.43
C CYS F 128 -16.70 30.71 -46.60
N LEU F 129 -16.35 29.62 -47.29
CA LEU F 129 -16.14 28.31 -46.64
C LEU F 129 -15.06 28.40 -45.56
N ALA F 130 -13.94 29.05 -45.87
CA ALA F 130 -12.88 29.32 -44.91
C ALA F 130 -13.42 30.05 -43.66
N VAL F 131 -14.20 31.12 -43.85
CA VAL F 131 -14.74 31.91 -42.73
C VAL F 131 -15.63 31.07 -41.83
N TYR F 132 -16.52 30.29 -42.43
CA TYR F 132 -17.48 29.46 -41.66
C TYR F 132 -16.78 28.29 -40.95
N ARG F 133 -15.81 27.64 -41.62
CA ARG F 133 -14.98 26.59 -40.96
C ARG F 133 -14.28 27.22 -39.76
N ASP F 134 -13.65 28.37 -40.00
CA ASP F 134 -12.90 29.12 -38.98
C ASP F 134 -13.79 29.49 -37.78
N LEU F 135 -15.00 29.97 -38.05
CA LEU F 135 -15.99 30.27 -37.02
C LEU F 135 -16.28 29.09 -36.10
N VAL F 136 -16.64 27.97 -36.71
CA VAL F 136 -16.96 26.73 -35.98
C VAL F 136 -15.76 26.24 -35.15
N ARG F 137 -14.55 26.31 -35.72
CA ARG F 137 -13.34 25.94 -34.99
C ARG F 137 -13.13 26.74 -33.68
N ASN F 138 -13.51 28.03 -33.67
CA ASN F 138 -13.26 28.94 -32.54
C ASN F 138 -14.56 29.40 -31.87
#